data_5CC6
#
_entry.id   5CC6
#
_cell.length_a   76.834
_cell.length_b   76.834
_cell.length_c   220.039
_cell.angle_alpha   90.00
_cell.angle_beta   90.00
_cell.angle_gamma   90.00
#
_symmetry.space_group_name_H-M   'P 43 21 2'
#
loop_
_entity.id
_entity.type
_entity.pdbx_description
1 polymer 'Malate synthase G'
2 non-polymer 'MAGNESIUM ION'
3 non-polymer '1H-indole-5-carboxylic acid'
4 water water
#
_entity_poly.entity_id   1
_entity_poly.type   'polypeptide(L)'
_entity_poly.pdbx_seq_one_letter_code
;MTDRVSVGNLRIARVLYDFVNNEALPGTDIDPDSFWAGVDKVVADLTPQNQALLNARDELQAQIDKWHRRRVIEPIDMDA
YRQFLTEIGYLLPEPDDFTITTSGVDAEITTTAGPQLVVPVLNARFALNAANARWGSLYDALYGTDVIPETDGAEKGPTY
NKVRGDKVIAYARKFLDDSVPLSSGSFGDATGFTVQDGQLVVALPDKSTGLANPGQFAGYTGAAESPTSVLLINHGLHIE
ILIDPESQVGTTDRAGVKDVILESAITTIMDFEDSVAAVDAADKVLGYRNWLGLNKGDLAAAVDKDGTAFLRVLNRDRNY
TAPGGGQFTLPGRSLMFVRNVGHLMTNDAIVDTDGSEVFEGIMDALFTGLIAIHGLKASDVNGPLINSRTGSIYIVKPKM
HGPAEVAFTCELFSRVEDVLGLPQNTMKIGIMDEERRTTVNLKACIKAAADRVVFINTGFLDRTGDEIHTSMEAGPMVRK
GTMKSQPWILAYEDHNVDAGLAAGFSGRAQVGKGMWTMTELMADMVETKIAQPRAGASTAWVPSPTAATLHALHYHQVDV
AAVQQGLAGKRRATIEQLLTIPLAKELAWAPDEIREEVDNNCQSILGYVVRWVDQGVGASKVPDIHDVALMEDRATLRIS
SQLLANWLRHGVITSADVRASLERMAPLVDRQNAGDVAYRPMAPNFDDSIAFLAAQELILSGAQQPNGYTEPILHRRRRE
FKARAAEKPAPSDRAGDDAAR
;
_entity_poly.pdbx_strand_id   A
#
loop_
_chem_comp.id
_chem_comp.type
_chem_comp.name
_chem_comp.formula
4ZV non-polymer '1H-indole-5-carboxylic acid' 'C9 H7 N O2'
MG non-polymer 'MAGNESIUM ION' 'Mg 2'
#
# COMPACT_ATOMS: atom_id res chain seq x y z
N THR A 2 5.30 5.90 37.10
CA THR A 2 5.76 5.41 35.81
C THR A 2 6.62 6.44 35.09
N ASP A 3 6.99 6.10 33.86
CA ASP A 3 7.68 7.01 32.96
C ASP A 3 6.62 7.58 32.05
N ARG A 4 5.54 8.08 32.66
CA ARG A 4 4.43 8.60 31.88
C ARG A 4 4.11 10.02 32.27
N VAL A 5 3.46 10.72 31.35
CA VAL A 5 3.12 12.10 31.58
C VAL A 5 1.60 12.19 31.73
N SER A 6 1.18 12.83 32.81
CA SER A 6 -0.24 12.97 33.07
C SER A 6 -0.80 14.16 32.31
N VAL A 7 -1.78 13.89 31.47
CA VAL A 7 -2.48 14.96 30.80
C VAL A 7 -3.94 14.62 30.89
N GLY A 8 -4.63 15.32 31.79
CA GLY A 8 -6.00 14.98 32.09
C GLY A 8 -6.07 13.50 32.41
N ASN A 9 -6.91 12.77 31.69
CA ASN A 9 -7.11 11.37 31.97
C ASN A 9 -6.06 10.47 31.35
N LEU A 10 -5.19 11.05 30.55
CA LEU A 10 -4.19 10.26 29.85
C LEU A 10 -2.87 10.20 30.61
N ARG A 11 -2.20 9.08 30.44
CA ARG A 11 -0.85 8.93 30.91
C ARG A 11 0.02 8.59 29.70
N ILE A 12 0.69 9.61 29.18
CA ILE A 12 1.43 9.50 27.94
C ILE A 12 2.84 9.01 28.16
N ALA A 13 3.24 8.00 27.40
CA ALA A 13 4.62 7.52 27.44
C ALA A 13 5.56 8.70 27.26
N ARG A 14 6.56 8.80 28.13
CA ARG A 14 7.44 9.97 28.13
C ARG A 14 8.09 10.10 26.77
N VAL A 15 8.47 8.98 26.19
CA VAL A 15 9.21 9.03 24.92
C VAL A 15 8.36 9.69 23.86
N LEU A 16 7.07 9.40 23.90
CA LEU A 16 6.13 9.98 22.98
C LEU A 16 5.90 11.44 23.33
N TYR A 17 5.71 11.70 24.62
CA TYR A 17 5.47 13.04 25.08
C TYR A 17 6.61 13.94 24.63
N ASP A 18 7.82 13.50 24.89
CA ASP A 18 8.99 14.29 24.57
C ASP A 18 9.12 14.42 23.07
N PHE A 19 8.96 13.31 22.37
CA PHE A 19 9.07 13.37 20.93
C PHE A 19 8.14 14.45 20.42
N VAL A 20 6.89 14.40 20.86
CA VAL A 20 5.91 15.32 20.35
C VAL A 20 6.27 16.77 20.69
N ASN A 21 6.66 17.01 21.94
CA ASN A 21 7.03 18.35 22.36
C ASN A 21 8.28 18.86 21.70
N ASN A 22 9.28 17.99 21.57
CA ASN A 22 10.57 18.46 21.11
C ASN A 22 10.74 18.39 19.60
N GLU A 23 10.02 17.48 18.96
CA GLU A 23 10.24 17.24 17.54
C GLU A 23 9.03 17.59 16.70
N ALA A 24 7.86 17.16 17.15
CA ALA A 24 6.69 17.24 16.31
C ALA A 24 5.99 18.59 16.39
N LEU A 25 5.94 19.18 17.57
CA LEU A 25 5.22 20.42 17.76
C LEU A 25 5.96 21.65 17.25
N PRO A 26 7.26 21.74 17.54
CA PRO A 26 7.98 22.95 17.12
C PRO A 26 7.90 23.14 15.62
N GLY A 27 7.44 24.31 15.20
CA GLY A 27 7.36 24.65 13.80
C GLY A 27 5.92 24.62 13.31
N THR A 28 5.00 24.20 14.17
CA THR A 28 3.61 24.06 13.75
C THR A 28 2.75 25.20 14.28
N ASP A 29 3.30 25.98 15.20
CA ASP A 29 2.56 27.09 15.80
C ASP A 29 1.38 26.60 16.64
N ILE A 30 1.30 25.30 16.84
CA ILE A 30 0.30 24.74 17.74
C ILE A 30 0.78 24.83 19.18
N ASP A 31 -0.06 25.38 20.03
CA ASP A 31 0.27 25.49 21.44
C ASP A 31 0.36 24.10 22.07
N PRO A 32 1.54 23.74 22.59
CA PRO A 32 1.75 22.39 23.13
C PRO A 32 0.68 21.99 24.13
N ASP A 33 0.38 22.86 25.09
CA ASP A 33 -0.62 22.53 26.09
C ASP A 33 -1.99 22.29 25.45
N SER A 34 -2.36 23.15 24.48
CA SER A 34 -3.61 23.00 23.75
C SER A 34 -3.60 21.71 22.95
N PHE A 35 -2.45 21.38 22.40
CA PHE A 35 -2.35 20.15 21.65
C PHE A 35 -2.70 19.00 22.57
N TRP A 36 -2.02 18.97 23.72
CA TRP A 36 -2.18 17.86 24.64
C TRP A 36 -3.57 17.82 25.26
N ALA A 37 -4.09 18.98 25.61
CA ALA A 37 -5.47 19.07 26.07
C ALA A 37 -6.38 18.54 24.96
N GLY A 38 -6.00 18.80 23.72
CA GLY A 38 -6.77 18.33 22.59
C GLY A 38 -6.71 16.81 22.49
N VAL A 39 -5.52 16.25 22.67
CA VAL A 39 -5.35 14.80 22.69
C VAL A 39 -6.30 14.19 23.71
N ASP A 40 -6.19 14.65 24.95
CA ASP A 40 -7.04 14.14 26.02
C ASP A 40 -8.51 14.25 25.65
N LYS A 41 -8.94 15.43 25.21
CA LYS A 41 -10.35 15.65 24.88
C LYS A 41 -10.81 14.73 23.75
N VAL A 42 -10.04 14.68 22.67
CA VAL A 42 -10.40 13.86 21.52
C VAL A 42 -10.48 12.42 21.94
N VAL A 43 -9.52 11.98 22.75
CA VAL A 43 -9.51 10.60 23.18
C VAL A 43 -10.71 10.30 24.05
N ALA A 44 -10.95 11.14 25.05
CA ALA A 44 -12.12 10.95 25.90
C ALA A 44 -13.41 10.94 25.07
N ASP A 45 -13.53 11.88 24.17
CA ASP A 45 -14.74 12.06 23.37
C ASP A 45 -15.04 10.94 22.39
N LEU A 46 -14.02 10.40 21.73
CA LEU A 46 -14.24 9.51 20.60
C LEU A 46 -14.03 8.05 20.97
N THR A 47 -13.36 7.83 22.08
CA THR A 47 -13.06 6.48 22.52
C THR A 47 -14.32 5.60 22.63
N PRO A 48 -15.40 6.14 23.24
CA PRO A 48 -16.57 5.29 23.43
C PRO A 48 -17.19 4.85 22.11
N GLN A 49 -17.29 5.79 21.17
CA GLN A 49 -17.83 5.45 19.87
C GLN A 49 -16.89 4.49 19.16
N ASN A 50 -15.59 4.70 19.30
CA ASN A 50 -14.62 3.77 18.77
C ASN A 50 -14.95 2.37 19.27
N GLN A 51 -15.14 2.25 20.58
CA GLN A 51 -15.42 0.95 21.17
C GLN A 51 -16.76 0.41 20.68
N ALA A 52 -17.75 1.28 20.61
CA ALA A 52 -19.09 0.90 20.14
C ALA A 52 -19.01 0.28 18.74
N LEU A 53 -18.27 0.94 17.85
CA LEU A 53 -18.08 0.45 16.51
C LEU A 53 -17.48 -0.95 16.55
N LEU A 54 -16.45 -1.14 17.37
CA LEU A 54 -15.77 -2.42 17.43
C LEU A 54 -16.74 -3.47 17.96
N ASN A 55 -17.51 -3.10 18.97
CA ASN A 55 -18.50 -4.01 19.52
C ASN A 55 -19.50 -4.38 18.44
N ALA A 56 -19.89 -3.38 17.66
CA ALA A 56 -20.81 -3.60 16.56
C ALA A 56 -20.26 -4.62 15.57
N ARG A 57 -18.96 -4.59 15.30
CA ARG A 57 -18.38 -5.60 14.43
C ARG A 57 -18.64 -6.98 15.03
N ASP A 58 -18.32 -7.13 16.31
CA ASP A 58 -18.47 -8.42 16.99
C ASP A 58 -19.92 -8.88 16.95
N GLU A 59 -20.85 -7.99 17.29
CA GLU A 59 -22.27 -8.32 17.27
C GLU A 59 -22.71 -8.82 15.89
N LEU A 60 -22.32 -8.09 14.85
CA LEU A 60 -22.67 -8.50 13.50
C LEU A 60 -22.08 -9.86 13.21
N GLN A 61 -20.79 -10.02 13.48
CA GLN A 61 -20.16 -11.30 13.21
C GLN A 61 -20.83 -12.45 13.95
N ALA A 62 -21.25 -12.22 15.19
CA ALA A 62 -21.87 -13.29 15.98
C ALA A 62 -23.19 -13.69 15.32
N GLN A 63 -23.95 -12.70 14.90
CA GLN A 63 -25.22 -12.95 14.22
C GLN A 63 -25.02 -13.71 12.93
N ILE A 64 -23.99 -13.34 12.18
CA ILE A 64 -23.73 -14.05 10.94
C ILE A 64 -23.29 -15.48 11.26
N ASP A 65 -22.43 -15.61 12.28
CA ASP A 65 -22.02 -16.92 12.77
C ASP A 65 -23.27 -17.77 13.03
N LYS A 66 -24.19 -17.22 13.81
CA LYS A 66 -25.42 -17.93 14.14
C LYS A 66 -26.22 -18.25 12.90
N TRP A 67 -26.24 -17.33 11.95
CA TRP A 67 -27.01 -17.52 10.74
C TRP A 67 -26.59 -18.79 10.01
N HIS A 68 -25.28 -19.00 9.89
CA HIS A 68 -24.79 -20.18 9.20
C HIS A 68 -25.06 -21.44 9.99
N ARG A 69 -24.77 -21.37 11.28
CA ARG A 69 -24.90 -22.53 12.12
C ARG A 69 -26.36 -23.02 12.18
N ARG A 70 -27.31 -22.16 11.82
CA ARG A 70 -28.71 -22.53 11.96
C ARG A 70 -29.52 -23.06 10.76
N ASP A 77 -28.30 -18.95 0.76
CA ASP A 77 -29.43 -18.85 -0.15
C ASP A 77 -29.62 -17.35 -0.31
N MET A 78 -29.19 -16.82 -1.45
CA MET A 78 -28.90 -15.40 -1.54
C MET A 78 -29.96 -14.43 -1.02
N ASP A 79 -31.21 -14.58 -1.43
CA ASP A 79 -32.24 -13.60 -1.04
C ASP A 79 -32.42 -13.54 0.48
N ALA A 80 -32.31 -14.71 1.10
CA ALA A 80 -32.50 -14.83 2.55
C ALA A 80 -31.30 -14.25 3.27
N TYR A 81 -30.12 -14.64 2.83
CA TYR A 81 -28.87 -14.19 3.41
C TYR A 81 -28.79 -12.68 3.28
N ARG A 82 -29.10 -12.19 2.10
CA ARG A 82 -29.10 -10.76 1.82
C ARG A 82 -30.12 -10.05 2.70
N GLN A 83 -31.31 -10.64 2.79
CA GLN A 83 -32.38 -10.10 3.61
C GLN A 83 -31.88 -10.01 5.05
N PHE A 84 -31.22 -11.09 5.47
CA PHE A 84 -30.68 -11.16 6.81
C PHE A 84 -29.66 -10.04 7.06
N LEU A 85 -28.66 -9.95 6.18
CA LEU A 85 -27.62 -8.95 6.32
C LEU A 85 -28.22 -7.56 6.41
N THR A 86 -29.37 -7.39 5.78
CA THR A 86 -30.04 -6.10 5.79
C THR A 86 -30.76 -5.87 7.10
N GLU A 87 -31.41 -6.92 7.61
CA GLU A 87 -32.12 -6.83 8.88
C GLU A 87 -31.18 -6.40 9.98
N ILE A 88 -30.04 -7.06 10.08
CA ILE A 88 -29.10 -6.82 11.17
C ILE A 88 -28.28 -5.55 10.95
N GLY A 89 -28.44 -4.93 9.79
CA GLY A 89 -27.80 -3.65 9.52
C GLY A 89 -26.38 -3.81 9.02
N TYR A 90 -26.10 -4.98 8.47
CA TYR A 90 -24.79 -5.25 7.91
C TYR A 90 -24.77 -4.63 6.55
N LEU A 91 -25.82 -4.92 5.81
CA LEU A 91 -26.03 -4.42 4.48
C LEU A 91 -26.91 -3.20 4.61
N LEU A 92 -26.35 -2.01 4.40
CA LEU A 92 -27.14 -0.79 4.54
C LEU A 92 -27.65 -0.33 3.18
N PRO A 93 -28.66 0.55 3.19
CA PRO A 93 -29.16 1.10 1.94
C PRO A 93 -28.05 1.82 1.21
N GLU A 94 -28.07 1.69 -0.10
CA GLU A 94 -27.16 2.41 -0.96
C GLU A 94 -27.72 3.82 -1.15
N PRO A 95 -26.91 4.83 -0.88
CA PRO A 95 -27.36 6.22 -1.01
C PRO A 95 -27.59 6.55 -2.48
N ASP A 96 -28.29 7.64 -2.73
CA ASP A 96 -28.43 8.12 -4.09
C ASP A 96 -27.08 8.55 -4.65
N ASP A 97 -26.94 8.46 -5.95
CA ASP A 97 -25.74 8.95 -6.62
C ASP A 97 -25.32 10.29 -6.02
N PHE A 98 -24.02 10.51 -5.92
CA PHE A 98 -23.49 11.80 -5.49
C PHE A 98 -22.14 11.94 -6.13
N THR A 99 -21.54 13.10 -5.99
CA THR A 99 -20.18 13.30 -6.46
C THR A 99 -19.37 13.80 -5.28
N ILE A 100 -18.21 13.21 -5.07
CA ILE A 100 -17.38 13.63 -3.96
C ILE A 100 -17.03 15.09 -4.15
N THR A 101 -16.80 15.82 -3.06
CA THR A 101 -16.52 17.24 -3.14
C THR A 101 -15.12 17.54 -2.64
N THR A 102 -14.33 16.50 -2.39
CA THR A 102 -12.99 16.65 -1.82
C THR A 102 -12.17 17.70 -2.58
N SER A 103 -11.58 18.66 -1.86
CA SER A 103 -10.81 19.70 -2.56
C SER A 103 -9.46 19.94 -1.90
N GLY A 104 -8.64 20.74 -2.55
CA GLY A 104 -7.29 20.99 -2.06
C GLY A 104 -6.40 19.76 -2.20
N VAL A 105 -6.76 18.88 -3.13
CA VAL A 105 -5.99 17.66 -3.40
C VAL A 105 -4.97 17.91 -4.50
N ASP A 106 -3.79 17.31 -4.35
CA ASP A 106 -2.69 17.51 -5.28
C ASP A 106 -2.92 16.72 -6.58
N ALA A 107 -2.28 17.18 -7.65
CA ALA A 107 -2.46 16.57 -8.96
C ALA A 107 -2.11 15.07 -8.96
N GLU A 108 -1.11 14.69 -8.18
CA GLU A 108 -0.67 13.30 -8.15
C GLU A 108 -1.83 12.37 -7.82
N ILE A 109 -2.77 12.89 -7.04
CA ILE A 109 -3.91 12.10 -6.61
C ILE A 109 -5.14 12.31 -7.50
N THR A 110 -5.43 13.55 -7.83
CA THR A 110 -6.66 13.84 -8.57
C THR A 110 -6.56 13.42 -10.01
N THR A 111 -5.36 13.52 -10.57
CA THR A 111 -5.23 13.46 -12.00
C THR A 111 -4.29 12.39 -12.50
N THR A 112 -3.11 12.32 -11.91
CA THR A 112 -2.10 11.43 -12.42
C THR A 112 -2.43 10.00 -12.05
N ALA A 113 -2.42 9.12 -13.04
CA ALA A 113 -2.50 7.69 -12.78
C ALA A 113 -1.08 7.16 -12.82
N GLY A 114 -0.75 6.31 -11.86
CA GLY A 114 0.58 5.75 -11.79
C GLY A 114 0.73 4.94 -10.54
N PRO A 115 1.87 4.26 -10.39
CA PRO A 115 2.13 3.40 -9.25
C PRO A 115 2.04 4.14 -7.93
N GLN A 116 1.64 3.42 -6.91
CA GLN A 116 1.61 3.96 -5.56
C GLN A 116 2.36 2.98 -4.73
N LEU A 117 3.39 3.46 -4.07
CA LEU A 117 4.32 2.61 -3.36
C LEU A 117 3.91 2.65 -1.89
N VAL A 118 3.99 1.51 -1.22
CA VAL A 118 3.66 1.43 0.18
C VAL A 118 4.90 0.89 0.85
N VAL A 119 5.32 1.54 1.94
CA VAL A 119 6.59 1.21 2.57
C VAL A 119 6.46 1.39 4.08
N PRO A 120 7.14 0.53 4.86
CA PRO A 120 7.05 0.62 6.32
C PRO A 120 7.71 1.92 6.75
N VAL A 121 6.96 2.75 7.46
CA VAL A 121 7.48 4.02 7.89
C VAL A 121 8.58 3.83 8.94
N LEU A 122 8.59 2.66 9.61
CA LEU A 122 9.63 2.39 10.59
C LEU A 122 10.99 2.18 9.96
N ASN A 123 11.01 1.90 8.67
CA ASN A 123 12.27 1.71 7.98
C ASN A 123 12.65 2.96 7.21
N ALA A 124 13.46 3.81 7.84
CA ALA A 124 13.73 5.12 7.28
C ALA A 124 14.45 5.03 5.95
N ARG A 125 15.35 4.05 5.81
CA ARG A 125 16.02 3.81 4.53
C ARG A 125 14.99 3.57 3.44
N PHE A 126 14.11 2.62 3.69
CA PHE A 126 13.07 2.28 2.73
C PHE A 126 12.18 3.48 2.51
N ALA A 127 11.81 4.19 3.58
CA ALA A 127 10.90 5.31 3.46
C ALA A 127 11.50 6.39 2.58
N LEU A 128 12.78 6.68 2.81
CA LEU A 128 13.50 7.65 1.99
C LEU A 128 13.55 7.21 0.54
N ASN A 129 13.92 5.95 0.32
CA ASN A 129 13.92 5.38 -1.02
C ASN A 129 12.57 5.55 -1.69
N ALA A 130 11.52 5.37 -0.91
CA ALA A 130 10.16 5.45 -1.44
C ALA A 130 9.82 6.88 -1.84
N ALA A 131 10.09 7.81 -0.94
CA ALA A 131 9.88 9.22 -1.19
C ALA A 131 10.64 9.62 -2.46
N ASN A 132 11.83 9.04 -2.63
CA ASN A 132 12.68 9.35 -3.77
C ASN A 132 12.31 8.57 -5.05
N ALA A 133 11.37 7.65 -4.93
CA ALA A 133 11.07 6.74 -6.02
C ALA A 133 10.12 7.35 -7.05
N ARG A 134 9.83 8.64 -6.90
CA ARG A 134 9.05 9.38 -7.87
C ARG A 134 9.71 9.21 -9.23
N TRP A 135 11.03 9.15 -9.24
CA TRP A 135 11.76 8.91 -10.46
C TRP A 135 12.63 7.71 -10.21
N GLY A 136 12.71 6.83 -11.20
CA GLY A 136 13.45 5.60 -11.09
C GLY A 136 14.02 5.21 -12.42
N SER A 137 15.19 4.58 -12.39
CA SER A 137 15.87 4.18 -13.61
C SER A 137 15.18 2.98 -14.21
N LEU A 138 14.74 3.10 -15.46
CA LEU A 138 14.11 1.97 -16.11
C LEU A 138 15.16 0.94 -16.43
N TYR A 139 16.36 1.39 -16.78
CA TYR A 139 17.41 0.46 -17.11
C TYR A 139 17.73 -0.36 -15.89
N ASP A 140 17.77 0.31 -14.74
CA ASP A 140 18.09 -0.39 -13.50
C ASP A 140 17.01 -1.42 -13.25
N ALA A 141 15.75 -1.01 -13.42
CA ALA A 141 14.62 -1.89 -13.12
C ALA A 141 14.62 -3.08 -14.08
N LEU A 142 14.98 -2.84 -15.33
CA LEU A 142 15.02 -3.90 -16.33
C LEU A 142 16.22 -4.82 -16.16
N TYR A 143 17.40 -4.24 -16.02
CA TYR A 143 18.62 -5.03 -15.92
C TYR A 143 18.57 -5.87 -14.64
N GLY A 144 18.07 -5.27 -13.58
CA GLY A 144 18.19 -5.86 -12.27
C GLY A 144 17.13 -6.89 -11.97
N THR A 145 16.11 -6.97 -12.79
CA THR A 145 15.04 -7.91 -12.50
C THR A 145 14.87 -8.87 -13.66
N ASP A 146 13.94 -9.80 -13.52
CA ASP A 146 13.76 -10.82 -14.52
C ASP A 146 12.87 -10.34 -15.66
N VAL A 147 12.57 -9.04 -15.71
CA VAL A 147 11.77 -8.53 -16.82
C VAL A 147 12.54 -8.78 -18.11
N ILE A 148 13.86 -8.65 -18.03
CA ILE A 148 14.72 -9.17 -19.06
C ILE A 148 15.16 -10.54 -18.55
N PRO A 149 14.67 -11.61 -19.19
CA PRO A 149 14.98 -12.96 -18.72
C PRO A 149 16.48 -13.16 -18.65
N GLU A 150 16.97 -13.83 -17.62
CA GLU A 150 18.37 -14.22 -17.55
C GLU A 150 18.61 -15.51 -18.31
N THR A 151 18.24 -15.50 -19.58
CA THR A 151 18.51 -16.62 -20.46
C THR A 151 20.00 -16.65 -20.73
N ASP A 152 20.42 -17.72 -21.39
CA ASP A 152 21.83 -17.92 -21.66
C ASP A 152 22.46 -16.67 -22.31
N GLY A 153 23.60 -16.25 -21.79
CA GLY A 153 24.28 -15.10 -22.33
C GLY A 153 23.78 -13.77 -21.79
N ALA A 154 22.57 -13.74 -21.26
CA ALA A 154 22.00 -12.47 -20.82
C ALA A 154 21.82 -12.42 -19.31
N GLU A 155 22.58 -13.23 -18.59
CA GLU A 155 22.42 -13.26 -17.14
C GLU A 155 23.10 -12.08 -16.45
N LYS A 156 22.60 -11.76 -15.26
CA LYS A 156 23.23 -10.76 -14.44
C LYS A 156 24.51 -11.38 -13.91
N GLY A 157 25.63 -10.73 -14.20
CA GLY A 157 26.91 -11.20 -13.74
C GLY A 157 27.39 -10.32 -12.61
N PRO A 158 28.65 -10.52 -12.18
CA PRO A 158 29.26 -9.68 -11.15
C PRO A 158 29.38 -8.28 -11.69
N THR A 159 29.54 -8.20 -13.02
CA THR A 159 29.67 -6.92 -13.69
C THR A 159 28.81 -6.84 -14.93
N TYR A 160 28.84 -5.66 -15.55
CA TYR A 160 27.96 -5.34 -16.67
C TYR A 160 28.02 -6.34 -17.81
N ASN A 161 26.93 -7.06 -17.99
CA ASN A 161 26.77 -7.93 -19.14
C ASN A 161 26.18 -7.12 -20.29
N LYS A 162 27.02 -6.83 -21.27
CA LYS A 162 26.61 -6.01 -22.42
C LYS A 162 25.43 -6.61 -23.18
N VAL A 163 25.40 -7.93 -23.29
CA VAL A 163 24.29 -8.59 -23.97
C VAL A 163 22.99 -8.30 -23.23
N ARG A 164 23.02 -8.41 -21.91
CA ARG A 164 21.83 -8.13 -21.12
C ARG A 164 21.50 -6.65 -21.25
N GLY A 165 22.51 -5.81 -21.17
CA GLY A 165 22.31 -4.38 -21.22
C GLY A 165 21.68 -4.00 -22.54
N ASP A 166 22.07 -4.70 -23.60
CA ASP A 166 21.47 -4.46 -24.89
C ASP A 166 19.98 -4.83 -24.92
N LYS A 167 19.61 -5.94 -24.29
CA LYS A 167 18.19 -6.27 -24.19
C LYS A 167 17.46 -5.18 -23.42
N VAL A 168 18.06 -4.67 -22.35
CA VAL A 168 17.44 -3.61 -21.58
C VAL A 168 17.21 -2.41 -22.48
N ILE A 169 18.25 -2.01 -23.20
CA ILE A 169 18.18 -0.92 -24.15
C ILE A 169 17.05 -1.13 -25.14
N ALA A 170 17.02 -2.31 -25.76
CA ALA A 170 15.98 -2.60 -26.75
C ALA A 170 14.62 -2.60 -26.11
N TYR A 171 14.53 -3.10 -24.89
CA TYR A 171 13.23 -3.12 -24.24
C TYR A 171 12.74 -1.69 -24.12
N ALA A 172 13.64 -0.82 -23.68
CA ALA A 172 13.31 0.57 -23.42
C ALA A 172 12.99 1.35 -24.69
N ARG A 173 13.74 1.05 -25.76
CA ARG A 173 13.44 1.65 -27.05
C ARG A 173 12.03 1.31 -27.51
N LYS A 174 11.66 0.05 -27.34
CA LYS A 174 10.32 -0.36 -27.73
C LYS A 174 9.30 0.37 -26.87
N PHE A 175 9.55 0.43 -25.56
CA PHE A 175 8.72 1.22 -24.67
C PHE A 175 8.56 2.65 -25.16
N LEU A 176 9.66 3.29 -25.53
CA LEU A 176 9.57 4.63 -26.10
C LEU A 176 8.72 4.64 -27.35
N ASP A 177 8.93 3.67 -28.24
CA ASP A 177 8.15 3.64 -29.46
C ASP A 177 6.66 3.54 -29.16
N ASP A 178 6.33 2.66 -28.22
CA ASP A 178 4.95 2.42 -27.86
C ASP A 178 4.36 3.60 -27.08
N SER A 179 5.18 4.29 -26.30
CA SER A 179 4.64 5.34 -25.44
C SER A 179 4.66 6.71 -26.09
N VAL A 180 5.73 7.02 -26.80
CA VAL A 180 5.92 8.34 -27.37
C VAL A 180 6.41 8.17 -28.82
N PRO A 181 5.50 7.72 -29.70
CA PRO A 181 5.86 7.28 -31.06
C PRO A 181 6.52 8.40 -31.86
N LEU A 182 7.51 8.06 -32.68
CA LEU A 182 8.06 9.05 -33.61
C LEU A 182 7.08 9.18 -34.75
N SER A 183 7.10 10.34 -35.43
CA SER A 183 6.29 10.51 -36.62
C SER A 183 6.60 9.39 -37.59
N SER A 184 7.88 9.07 -37.74
CA SER A 184 8.28 7.90 -38.50
C SER A 184 9.54 7.33 -37.89
N GLY A 185 9.75 6.03 -38.10
CA GLY A 185 10.92 5.38 -37.56
C GLY A 185 10.75 5.01 -36.11
N SER A 186 11.79 4.39 -35.56
CA SER A 186 11.74 3.88 -34.21
C SER A 186 12.86 4.49 -33.41
N PHE A 187 12.63 4.70 -32.12
CA PHE A 187 13.67 5.17 -31.23
C PHE A 187 14.87 4.24 -31.27
N GLY A 188 14.61 2.97 -31.61
CA GLY A 188 15.67 2.00 -31.73
C GLY A 188 16.77 2.40 -32.70
N ASP A 189 16.45 3.33 -33.61
CA ASP A 189 17.39 3.77 -34.62
C ASP A 189 17.79 5.23 -34.44
N ALA A 190 17.38 5.82 -33.33
CA ALA A 190 17.82 7.16 -32.99
C ALA A 190 19.34 7.19 -32.97
N THR A 191 19.93 8.26 -33.51
CA THR A 191 21.36 8.46 -33.38
C THR A 191 21.59 9.68 -32.53
N GLY A 192 20.54 10.47 -32.35
CA GLY A 192 20.67 11.65 -31.53
C GLY A 192 19.36 12.37 -31.30
N PHE A 193 19.35 13.22 -30.27
CA PHE A 193 18.22 14.05 -29.97
C PHE A 193 18.65 15.49 -29.91
N THR A 194 17.84 16.37 -30.47
CA THR A 194 18.10 17.79 -30.39
C THR A 194 16.78 18.54 -30.29
N VAL A 195 16.84 19.79 -29.86
CA VAL A 195 15.65 20.63 -29.78
C VAL A 195 15.83 21.82 -30.70
N GLN A 196 14.90 21.97 -31.64
CA GLN A 196 14.95 23.11 -32.55
C GLN A 196 13.55 23.69 -32.66
N ASP A 197 13.46 25.02 -32.61
CA ASP A 197 12.16 25.68 -32.62
C ASP A 197 11.25 25.04 -31.59
N GLY A 198 11.78 24.79 -30.39
CA GLY A 198 11.00 24.19 -29.32
C GLY A 198 10.43 22.83 -29.67
N GLN A 199 11.00 22.21 -30.69
CA GLN A 199 10.51 20.91 -31.14
C GLN A 199 11.58 19.87 -30.92
N LEU A 200 11.18 18.68 -30.49
CA LEU A 200 12.13 17.60 -30.32
C LEU A 200 12.47 17.03 -31.69
N VAL A 201 13.75 16.90 -31.99
CA VAL A 201 14.15 16.33 -33.26
C VAL A 201 15.00 15.10 -33.03
N VAL A 202 14.50 13.97 -33.49
CA VAL A 202 15.16 12.70 -33.29
C VAL A 202 15.92 12.35 -34.54
N ALA A 203 17.24 12.30 -34.42
CA ALA A 203 18.07 11.96 -35.55
C ALA A 203 17.97 10.47 -35.81
N LEU A 204 17.67 10.12 -37.05
CA LEU A 204 17.70 8.73 -37.47
C LEU A 204 18.84 8.59 -38.46
N PRO A 205 19.10 7.37 -38.93
CA PRO A 205 20.18 7.17 -39.90
C PRO A 205 19.96 8.00 -41.16
N ASP A 206 18.72 7.95 -41.67
CA ASP A 206 18.42 8.42 -43.02
C ASP A 206 17.81 9.80 -43.05
N LYS A 207 17.23 10.20 -41.92
CA LYS A 207 16.63 11.52 -41.82
C LYS A 207 16.41 11.84 -40.35
N SER A 208 15.57 12.82 -40.10
CA SER A 208 15.17 13.09 -38.73
C SER A 208 13.67 13.15 -38.66
N THR A 209 13.14 13.03 -37.45
CA THR A 209 11.72 13.03 -37.26
C THR A 209 11.40 13.63 -35.92
N GLY A 210 10.16 14.10 -35.79
CA GLY A 210 9.68 14.60 -34.53
C GLY A 210 8.80 13.51 -33.95
N LEU A 211 8.13 13.83 -32.84
CA LEU A 211 7.19 12.91 -32.23
C LEU A 211 5.90 12.95 -33.04
N ALA A 212 5.20 11.83 -33.10
CA ALA A 212 3.89 11.79 -33.74
C ALA A 212 2.99 12.79 -33.03
N ASN A 213 3.25 12.97 -31.74
CA ASN A 213 2.56 13.97 -30.96
C ASN A 213 3.58 14.84 -30.24
N PRO A 214 3.94 15.96 -30.87
CA PRO A 214 4.92 16.91 -30.35
C PRO A 214 4.59 17.30 -28.93
N GLY A 215 3.31 17.22 -28.55
CA GLY A 215 2.86 17.60 -27.24
C GLY A 215 3.44 16.71 -26.15
N GLN A 216 4.01 15.58 -26.55
CA GLN A 216 4.63 14.68 -25.59
C GLN A 216 6.04 15.11 -25.25
N PHE A 217 6.59 16.02 -26.03
CA PHE A 217 7.88 16.59 -25.72
C PHE A 217 7.67 17.54 -24.56
N ALA A 218 8.22 17.21 -23.40
CA ALA A 218 7.95 17.95 -22.18
C ALA A 218 9.07 18.92 -21.85
N GLY A 219 10.27 18.58 -22.29
CA GLY A 219 11.41 19.40 -21.99
C GLY A 219 12.72 18.70 -22.22
N TYR A 220 13.78 19.28 -21.69
CA TYR A 220 15.09 18.71 -21.83
C TYR A 220 16.02 19.38 -20.86
N THR A 221 17.22 18.83 -20.77
CA THR A 221 18.27 19.47 -20.00
C THR A 221 19.49 19.59 -20.88
N GLY A 222 20.34 20.56 -20.55
CA GLY A 222 21.55 20.79 -21.29
C GLY A 222 21.28 21.62 -22.54
N ALA A 223 22.24 21.62 -23.45
CA ALA A 223 22.15 22.44 -24.65
C ALA A 223 21.10 21.87 -25.58
N ALA A 224 20.22 22.74 -26.09
CA ALA A 224 19.24 22.31 -27.08
C ALA A 224 19.86 21.49 -28.22
N GLU A 225 21.10 21.81 -28.58
CA GLU A 225 21.76 21.19 -29.74
C GLU A 225 22.58 19.94 -29.40
N SER A 226 22.75 19.66 -28.12
CA SER A 226 23.20 18.34 -27.68
C SER A 226 22.79 18.18 -26.23
N PRO A 227 21.48 17.96 -26.02
CA PRO A 227 20.85 17.91 -24.69
C PRO A 227 21.48 16.82 -23.85
N THR A 228 21.47 16.97 -22.53
CA THR A 228 21.96 15.92 -21.65
C THR A 228 20.80 14.98 -21.36
N SER A 229 19.58 15.48 -21.55
CA SER A 229 18.44 14.61 -21.46
C SER A 229 17.25 15.18 -22.19
N VAL A 230 16.34 14.31 -22.54
CA VAL A 230 15.09 14.72 -23.14
C VAL A 230 13.94 14.23 -22.29
N LEU A 231 13.03 15.13 -21.98
CA LEU A 231 11.93 14.84 -21.10
C LEU A 231 10.67 14.72 -21.92
N LEU A 232 10.00 13.59 -21.79
CA LEU A 232 8.76 13.37 -22.50
C LEU A 232 7.66 13.12 -21.50
N ILE A 233 6.43 13.26 -21.97
CA ILE A 233 5.33 12.98 -21.09
C ILE A 233 4.34 12.15 -21.87
N ASN A 234 3.73 11.19 -21.19
CA ASN A 234 2.72 10.34 -21.80
C ASN A 234 1.75 9.89 -20.73
N HIS A 235 0.46 10.08 -20.99
CA HIS A 235 -0.57 9.85 -19.98
C HIS A 235 -0.21 10.53 -18.66
N GLY A 236 0.32 11.74 -18.74
CA GLY A 236 0.61 12.53 -17.56
C GLY A 236 1.83 12.06 -16.79
N LEU A 237 2.50 11.02 -17.30
CA LEU A 237 3.70 10.50 -16.68
C LEU A 237 4.94 10.85 -17.48
N HIS A 238 5.99 11.27 -16.78
CA HIS A 238 7.19 11.71 -17.46
C HIS A 238 8.17 10.60 -17.74
N ILE A 239 8.84 10.73 -18.87
CA ILE A 239 9.87 9.81 -19.28
C ILE A 239 11.08 10.65 -19.59
N GLU A 240 12.23 10.26 -19.08
CA GLU A 240 13.40 11.06 -19.37
C GLU A 240 14.48 10.21 -19.97
N ILE A 241 14.88 10.57 -21.17
CA ILE A 241 15.96 9.89 -21.84
C ILE A 241 17.21 10.60 -21.43
N LEU A 242 18.08 9.91 -20.71
CA LEU A 242 19.35 10.47 -20.29
C LEU A 242 20.36 10.21 -21.39
N ILE A 243 21.01 11.28 -21.85
CA ILE A 243 21.97 11.19 -22.92
C ILE A 243 23.37 11.42 -22.40
N ASP A 244 24.20 10.40 -22.48
CA ASP A 244 25.56 10.49 -22.00
C ASP A 244 26.43 9.42 -22.63
N PRO A 245 26.92 9.69 -23.85
CA PRO A 245 27.81 8.78 -24.57
C PRO A 245 28.98 8.33 -23.69
N GLU A 246 29.46 9.21 -22.83
CA GLU A 246 30.61 8.89 -22.00
C GLU A 246 30.21 8.15 -20.74
N SER A 247 29.16 7.35 -20.84
CA SER A 247 28.74 6.52 -19.72
C SER A 247 28.85 5.04 -20.11
N GLN A 248 28.88 4.17 -19.10
CA GLN A 248 28.98 2.74 -19.35
C GLN A 248 28.00 2.30 -20.43
N VAL A 249 26.74 2.63 -20.21
CA VAL A 249 25.70 2.18 -21.11
C VAL A 249 25.64 3.09 -22.32
N GLY A 250 25.83 4.38 -22.09
CA GLY A 250 25.74 5.36 -23.15
C GLY A 250 26.70 5.04 -24.28
N THR A 251 27.93 4.67 -23.94
CA THR A 251 28.95 4.38 -24.94
C THR A 251 28.52 3.28 -25.89
N THR A 252 27.70 2.35 -25.41
CA THR A 252 27.24 1.24 -26.25
C THR A 252 26.01 1.63 -27.08
N ASP A 253 25.47 2.81 -26.81
CA ASP A 253 24.17 3.18 -27.37
C ASP A 253 24.28 4.02 -28.65
N ARG A 254 23.39 3.72 -29.60
CA ARG A 254 23.40 4.40 -30.89
C ARG A 254 23.12 5.89 -30.79
N ALA A 255 22.49 6.31 -29.69
CA ALA A 255 22.22 7.73 -29.53
C ALA A 255 22.87 8.23 -28.25
N GLY A 256 23.75 7.41 -27.67
CA GLY A 256 24.49 7.79 -26.48
C GLY A 256 23.61 7.77 -25.25
N VAL A 257 22.43 7.17 -25.38
CA VAL A 257 21.47 7.09 -24.30
C VAL A 257 21.98 6.26 -23.13
N LYS A 258 22.03 6.90 -21.97
CA LYS A 258 22.57 6.32 -20.76
C LYS A 258 21.47 5.59 -20.00
N ASP A 259 20.25 6.12 -20.07
CA ASP A 259 19.15 5.56 -19.32
C ASP A 259 17.84 6.15 -19.75
N VAL A 260 16.78 5.49 -19.33
CA VAL A 260 15.46 6.06 -19.42
C VAL A 260 14.95 6.07 -18.02
N ILE A 261 14.64 7.27 -17.54
CA ILE A 261 14.12 7.46 -16.21
C ILE A 261 12.64 7.60 -16.35
N LEU A 262 11.90 6.85 -15.55
CA LEU A 262 10.46 6.96 -15.54
C LEU A 262 9.98 7.60 -14.26
N GLU A 263 9.08 8.54 -14.40
CA GLU A 263 8.30 8.95 -13.25
C GLU A 263 7.54 7.69 -12.82
N SER A 264 7.75 7.25 -11.59
CA SER A 264 7.33 5.92 -11.16
C SER A 264 6.32 5.99 -10.03
N ALA A 265 6.82 6.03 -8.79
CA ALA A 265 5.94 6.14 -7.63
C ALA A 265 5.47 7.57 -7.52
N ILE A 266 4.32 7.86 -8.12
CA ILE A 266 3.75 9.19 -8.09
C ILE A 266 3.44 9.52 -6.65
N THR A 267 2.89 8.54 -5.94
CA THR A 267 2.60 8.73 -4.54
C THR A 267 3.13 7.55 -3.78
N THR A 268 3.35 7.76 -2.50
CA THR A 268 3.85 6.75 -1.62
C THR A 268 3.05 6.80 -0.32
N ILE A 269 2.80 5.62 0.22
CA ILE A 269 2.07 5.54 1.46
C ILE A 269 3.07 5.14 2.52
N MET A 270 3.30 6.06 3.44
CA MET A 270 4.21 5.80 4.54
C MET A 270 3.39 5.06 5.55
N ASP A 271 3.76 3.80 5.78
CA ASP A 271 2.84 2.89 6.45
C ASP A 271 3.15 2.69 7.91
N PHE A 272 2.14 2.97 8.73
CA PHE A 272 2.21 2.72 10.17
C PHE A 272 1.46 1.44 10.50
N GLU A 273 0.82 0.86 9.49
CA GLU A 273 -0.08 -0.25 9.75
C GLU A 273 0.55 -1.60 9.34
N ASP A 274 -0.07 -2.30 8.39
CA ASP A 274 0.29 -3.70 8.16
C ASP A 274 1.73 -4.01 7.78
N SER A 275 2.48 -3.03 7.31
CA SER A 275 3.86 -3.33 6.94
C SER A 275 4.87 -3.08 8.07
N VAL A 276 4.41 -2.57 9.20
CA VAL A 276 5.30 -2.30 10.33
C VAL A 276 4.84 -3.01 11.59
N ALA A 277 5.79 -3.28 12.47
CA ALA A 277 5.53 -3.85 13.78
C ALA A 277 5.84 -2.77 14.81
N ALA A 278 4.81 -2.15 15.35
CA ALA A 278 4.98 -1.13 16.37
C ALA A 278 4.02 -1.45 17.49
N VAL A 279 4.55 -1.85 18.64
CA VAL A 279 3.70 -2.39 19.69
C VAL A 279 3.75 -1.58 20.98
N ASP A 280 4.52 -0.51 20.97
CA ASP A 280 4.64 0.34 22.14
C ASP A 280 5.07 1.72 21.73
N ALA A 281 5.28 2.57 22.72
CA ALA A 281 5.60 3.96 22.47
C ALA A 281 6.91 4.10 21.70
N ALA A 282 7.88 3.28 22.06
CA ALA A 282 9.19 3.37 21.41
C ALA A 282 9.02 3.10 19.91
N ASP A 283 8.21 2.10 19.57
CA ASP A 283 7.98 1.77 18.17
C ASP A 283 7.26 2.90 17.46
N LYS A 284 6.17 3.36 18.06
CA LYS A 284 5.39 4.42 17.47
C LYS A 284 6.27 5.65 17.27
N VAL A 285 7.04 5.99 18.29
CA VAL A 285 7.94 7.14 18.19
C VAL A 285 8.93 7.01 17.04
N LEU A 286 9.51 5.82 16.87
CA LEU A 286 10.41 5.60 15.73
C LEU A 286 9.66 5.90 14.44
N GLY A 287 8.44 5.39 14.36
CA GLY A 287 7.60 5.60 13.18
C GLY A 287 7.30 7.07 13.01
N TYR A 288 6.76 7.67 14.06
CA TYR A 288 6.42 9.08 14.03
C TYR A 288 7.64 9.94 13.68
N ARG A 289 8.81 9.54 14.13
CA ARG A 289 9.99 10.37 13.90
C ARG A 289 10.44 10.30 12.45
N ASN A 290 10.30 9.12 11.84
CA ASN A 290 10.57 9.00 10.41
C ASN A 290 9.57 9.82 9.61
N TRP A 291 8.30 9.64 9.91
CA TRP A 291 7.24 10.41 9.30
C TRP A 291 7.54 11.91 9.44
N LEU A 292 8.02 12.30 10.62
CA LEU A 292 8.37 13.68 10.88
C LEU A 292 9.51 14.12 9.99
N GLY A 293 10.57 13.32 9.94
CA GLY A 293 11.74 13.65 9.16
C GLY A 293 11.39 13.71 7.68
N LEU A 294 10.45 12.87 7.25
CA LEU A 294 9.99 12.89 5.87
C LEU A 294 9.28 14.20 5.62
N ASN A 295 8.39 14.58 6.54
CA ASN A 295 7.66 15.80 6.33
C ASN A 295 8.51 17.07 6.47
N LYS A 296 9.51 17.04 7.34
CA LYS A 296 10.36 18.21 7.52
C LYS A 296 11.40 18.22 6.41
N GLY A 297 11.46 17.11 5.68
CA GLY A 297 12.37 16.97 4.58
C GLY A 297 13.79 16.69 5.06
N ASP A 298 13.95 16.48 6.35
CA ASP A 298 15.30 16.31 6.89
C ASP A 298 15.61 14.89 7.33
N LEU A 299 14.76 13.93 6.96
CA LEU A 299 15.06 12.54 7.26
C LEU A 299 16.31 12.15 6.52
N ALA A 300 17.23 11.50 7.21
CA ALA A 300 18.48 11.07 6.60
C ALA A 300 18.95 9.74 7.18
N ALA A 301 19.26 8.80 6.30
CA ALA A 301 19.79 7.49 6.67
C ALA A 301 21.23 7.37 6.15
N ARG A 312 21.90 8.98 3.18
CA ARG A 312 20.83 9.22 2.21
C ARG A 312 19.77 10.24 2.61
N VAL A 313 19.41 11.11 1.67
CA VAL A 313 18.43 12.17 1.93
C VAL A 313 17.29 12.24 0.90
N LEU A 314 16.33 13.13 1.15
CA LEU A 314 15.23 13.35 0.22
C LEU A 314 15.67 14.13 -1.00
N ASN A 315 15.18 13.70 -2.16
CA ASN A 315 15.48 14.37 -3.41
C ASN A 315 14.87 15.76 -3.47
N ARG A 316 15.57 16.66 -4.15
CA ARG A 316 15.02 17.98 -4.44
C ARG A 316 14.23 17.86 -5.75
N ASP A 317 13.51 18.92 -6.11
CA ASP A 317 12.76 18.91 -7.35
C ASP A 317 13.69 18.89 -8.56
N ARG A 318 13.15 18.51 -9.71
CA ARG A 318 14.00 18.36 -10.90
C ARG A 318 13.83 19.56 -11.82
N ASN A 319 14.96 20.12 -12.25
CA ASN A 319 14.94 21.24 -13.19
C ASN A 319 14.98 20.81 -14.65
N TYR A 320 14.10 21.42 -15.44
CA TYR A 320 14.05 21.15 -16.85
C TYR A 320 13.93 22.45 -17.61
N THR A 321 14.38 22.42 -18.85
CA THR A 321 14.09 23.49 -19.78
C THR A 321 12.88 23.06 -20.58
N ALA A 322 11.81 23.86 -20.56
CA ALA A 322 10.63 23.61 -21.36
C ALA A 322 10.98 23.60 -22.85
N PRO A 323 10.08 23.06 -23.68
CA PRO A 323 10.38 22.99 -25.12
C PRO A 323 10.73 24.37 -25.70
N GLY A 324 9.98 25.41 -25.31
CA GLY A 324 10.20 26.74 -25.81
C GLY A 324 11.48 27.40 -25.31
N GLY A 325 12.06 26.82 -24.26
CA GLY A 325 13.33 27.32 -23.75
C GLY A 325 13.24 27.87 -22.33
N GLY A 326 12.01 28.06 -21.85
CA GLY A 326 11.81 28.50 -20.48
C GLY A 326 12.27 27.46 -19.48
N GLN A 327 12.14 27.78 -18.19
CA GLN A 327 12.58 26.87 -17.15
C GLN A 327 11.38 26.42 -16.35
N PHE A 328 11.40 25.16 -15.95
CA PHE A 328 10.37 24.70 -15.04
C PHE A 328 10.90 23.59 -14.17
N THR A 329 10.05 23.13 -13.27
CA THR A 329 10.46 22.21 -12.24
C THR A 329 9.43 21.12 -12.15
N LEU A 330 9.90 19.91 -11.85
CA LEU A 330 9.01 18.79 -11.62
C LEU A 330 9.27 18.23 -10.24
N PRO A 331 8.20 17.79 -9.57
CA PRO A 331 8.33 17.15 -8.25
C PRO A 331 9.38 16.06 -8.32
N GLY A 332 10.35 16.09 -7.43
CA GLY A 332 11.37 15.07 -7.40
C GLY A 332 11.01 13.97 -6.42
N ARG A 333 9.95 14.19 -5.65
CA ARG A 333 9.59 13.27 -4.58
C ARG A 333 8.21 12.70 -4.80
N SER A 334 8.02 11.48 -4.33
CA SER A 334 6.69 10.90 -4.31
C SER A 334 5.84 11.69 -3.35
N LEU A 335 4.60 11.96 -3.73
CA LEU A 335 3.67 12.61 -2.83
C LEU A 335 3.28 11.63 -1.72
N MET A 336 3.50 12.02 -0.47
CA MET A 336 3.30 11.07 0.61
C MET A 336 1.91 11.09 1.24
N PHE A 337 1.35 9.89 1.36
CA PHE A 337 0.27 9.58 2.28
C PHE A 337 0.90 8.97 3.50
N VAL A 338 0.14 8.91 4.58
CA VAL A 338 0.57 8.10 5.70
C VAL A 338 -0.58 7.14 5.92
N ARG A 339 -0.27 5.88 6.15
CA ARG A 339 -1.34 4.99 6.53
C ARG A 339 -1.37 4.85 8.02
N ASN A 340 -2.47 5.30 8.60
CA ASN A 340 -2.68 5.20 10.04
C ASN A 340 -3.15 3.80 10.32
N VAL A 341 -3.07 3.36 11.57
CA VAL A 341 -3.68 2.08 11.90
C VAL A 341 -5.20 2.27 11.93
N GLY A 342 -5.91 1.14 11.92
CA GLY A 342 -7.36 1.13 11.85
C GLY A 342 -7.99 1.34 13.21
N HIS A 343 -9.29 1.10 13.31
CA HIS A 343 -9.99 1.40 14.55
C HIS A 343 -9.74 0.38 15.64
N LEU A 344 -9.13 -0.74 15.31
CA LEU A 344 -9.12 -1.87 16.24
C LEU A 344 -8.17 -1.67 17.39
N MET A 345 -6.90 -1.46 17.07
CA MET A 345 -5.87 -1.67 18.07
C MET A 345 -5.72 -0.50 19.03
N THR A 346 -5.31 -0.85 20.24
CA THR A 346 -4.90 0.14 21.19
C THR A 346 -3.41 -0.02 21.29
N ASN A 347 -2.77 0.94 21.94
CA ASN A 347 -1.33 0.89 22.09
C ASN A 347 -1.03 1.59 23.40
N ASP A 348 -0.10 1.03 24.16
CA ASP A 348 0.15 1.56 25.48
C ASP A 348 1.01 2.80 25.42
N ALA A 349 1.25 3.32 24.22
CA ALA A 349 1.93 4.60 24.09
C ALA A 349 1.22 5.63 24.97
N ILE A 350 -0.08 5.46 25.12
CA ILE A 350 -0.83 6.26 26.06
C ILE A 350 -1.85 5.37 26.71
N VAL A 351 -1.94 5.47 28.03
CA VAL A 351 -2.95 4.72 28.73
C VAL A 351 -3.77 5.70 29.53
N ASP A 352 -5.01 5.37 29.87
CA ASP A 352 -5.75 6.30 30.69
C ASP A 352 -5.44 6.00 32.15
N THR A 353 -6.13 6.67 33.05
CA THR A 353 -5.83 6.50 34.46
C THR A 353 -6.05 5.06 34.87
N ASP A 354 -7.02 4.40 34.23
CA ASP A 354 -7.32 3.01 34.51
C ASP A 354 -6.22 2.08 34.02
N GLY A 355 -5.28 2.62 33.26
CA GLY A 355 -4.23 1.81 32.67
C GLY A 355 -4.66 1.20 31.35
N SER A 356 -5.86 1.59 30.90
CA SER A 356 -6.41 1.14 29.64
C SER A 356 -5.64 1.79 28.50
N GLU A 357 -5.16 0.97 27.56
CA GLU A 357 -4.49 1.51 26.40
C GLU A 357 -5.44 2.35 25.56
N VAL A 358 -4.91 3.42 25.01
CA VAL A 358 -5.70 4.31 24.18
C VAL A 358 -5.77 3.73 22.77
N PHE A 359 -6.85 4.03 22.06
CA PHE A 359 -6.99 3.60 20.67
C PHE A 359 -5.92 4.19 19.78
N GLU A 360 -5.22 3.32 19.08
CA GLU A 360 -4.05 3.70 18.34
C GLU A 360 -4.40 4.54 17.11
N GLY A 361 -5.54 4.23 16.52
CA GLY A 361 -6.02 4.96 15.37
C GLY A 361 -6.23 6.41 15.74
N ILE A 362 -6.85 6.62 16.89
CA ILE A 362 -7.12 7.96 17.36
C ILE A 362 -5.77 8.64 17.50
N MET A 363 -4.84 7.97 18.16
CA MET A 363 -3.52 8.54 18.37
C MET A 363 -2.82 8.84 17.05
N ASP A 364 -2.87 7.90 16.11
CA ASP A 364 -2.24 8.15 14.81
C ASP A 364 -2.81 9.39 14.15
N ALA A 365 -4.12 9.55 14.22
CA ALA A 365 -4.75 10.68 13.56
C ALA A 365 -4.11 11.94 14.12
N LEU A 366 -4.02 11.98 15.44
CA LEU A 366 -3.47 13.14 16.12
C LEU A 366 -2.00 13.36 15.81
N PHE A 367 -1.19 12.32 15.91
CA PHE A 367 0.25 12.52 15.79
C PHE A 367 0.71 12.58 14.35
N THR A 368 0.23 11.69 13.50
CA THR A 368 0.61 11.75 12.08
C THR A 368 0.03 13.00 11.45
N GLY A 369 -1.18 13.36 11.86
CA GLY A 369 -1.78 14.61 11.40
C GLY A 369 -0.92 15.78 11.87
N LEU A 370 -0.59 15.80 13.16
CA LEU A 370 0.26 16.87 13.69
C LEU A 370 1.55 16.92 12.90
N ILE A 371 2.22 15.78 12.82
CA ILE A 371 3.48 15.70 12.13
C ILE A 371 3.34 16.13 10.67
N ALA A 372 2.21 15.82 10.06
CA ALA A 372 2.04 16.09 8.64
C ALA A 372 2.03 17.58 8.34
N ILE A 373 1.82 18.40 9.37
CA ILE A 373 1.79 19.86 9.16
C ILE A 373 3.13 20.32 8.63
N HIS A 374 4.19 19.69 9.10
CA HIS A 374 5.52 20.02 8.62
C HIS A 374 5.65 19.84 7.11
N GLY A 375 4.89 18.91 6.54
CA GLY A 375 5.00 18.62 5.11
C GLY A 375 4.22 19.63 4.30
N LEU A 376 3.48 20.47 5.00
CA LEU A 376 2.70 21.53 4.39
C LEU A 376 3.46 22.83 4.42
N LYS A 377 4.72 22.79 4.81
CA LYS A 377 5.50 24.01 4.85
C LYS A 377 6.97 23.77 4.57
N ALA A 378 7.64 24.88 4.26
CA ALA A 378 9.04 24.89 3.88
C ALA A 378 9.85 23.96 4.75
N SER A 379 10.66 23.14 4.12
CA SER A 379 11.59 22.33 4.88
C SER A 379 12.87 23.13 4.97
N ASP A 380 13.41 23.25 6.17
CA ASP A 380 14.84 23.48 6.26
C ASP A 380 15.31 22.25 5.54
N ILE A 386 9.19 18.72 1.45
CA ILE A 386 7.85 19.29 1.46
C ILE A 386 6.86 18.36 0.71
N ASN A 387 5.63 18.33 1.18
CA ASN A 387 4.65 17.41 0.62
C ASN A 387 3.55 18.18 -0.13
N SER A 388 2.37 18.25 0.45
CA SER A 388 1.21 18.78 -0.25
C SER A 388 1.25 20.29 -0.46
N ARG A 389 1.38 20.71 -1.71
CA ARG A 389 1.38 22.14 -1.99
C ARG A 389 -0.03 22.69 -1.90
N THR A 390 -1.01 21.81 -2.04
CA THR A 390 -2.40 22.24 -2.01
C THR A 390 -2.98 22.24 -0.61
N GLY A 391 -2.19 21.82 0.36
CA GLY A 391 -2.55 21.97 1.77
C GLY A 391 -3.34 20.81 2.33
N SER A 392 -3.22 19.63 1.74
CA SER A 392 -3.91 18.46 2.27
C SER A 392 -2.97 17.55 3.01
N ILE A 393 -3.52 16.82 3.97
CA ILE A 393 -2.79 15.76 4.63
C ILE A 393 -3.49 14.47 4.24
N TYR A 394 -2.73 13.54 3.71
CA TYR A 394 -3.35 12.38 3.10
C TYR A 394 -3.19 11.17 3.98
N ILE A 395 -4.28 10.76 4.59
CA ILE A 395 -4.22 9.65 5.52
C ILE A 395 -4.98 8.46 4.97
N VAL A 396 -4.28 7.36 4.79
CA VAL A 396 -4.95 6.13 4.45
C VAL A 396 -5.48 5.52 5.72
N LYS A 397 -6.77 5.22 5.72
CA LYS A 397 -7.39 4.58 6.87
C LYS A 397 -7.75 3.16 6.49
N PRO A 398 -7.07 2.18 7.10
CA PRO A 398 -7.30 0.78 6.73
C PRO A 398 -8.40 0.13 7.57
N LYS A 399 -8.88 -1.02 7.11
CA LYS A 399 -9.63 -1.93 7.97
C LYS A 399 -10.90 -1.35 8.55
N MET A 400 -11.52 -0.43 7.84
CA MET A 400 -12.81 0.05 8.29
C MET A 400 -13.90 -0.89 7.81
N HIS A 401 -14.91 -1.06 8.66
CA HIS A 401 -16.05 -1.90 8.31
C HIS A 401 -17.27 -1.02 8.24
N GLY A 402 -17.64 -0.60 7.04
CA GLY A 402 -18.89 0.09 6.85
C GLY A 402 -18.84 1.59 7.08
N PRO A 403 -19.89 2.27 6.65
CA PRO A 403 -19.94 3.74 6.58
C PRO A 403 -19.90 4.42 7.95
N ALA A 404 -20.47 3.82 8.98
CA ALA A 404 -20.39 4.45 10.30
C ALA A 404 -18.93 4.55 10.71
N GLU A 405 -18.17 3.50 10.43
CA GLU A 405 -16.76 3.51 10.76
C GLU A 405 -16.02 4.56 9.92
N VAL A 406 -16.46 4.71 8.68
CA VAL A 406 -15.87 5.76 7.85
C VAL A 406 -16.26 7.11 8.44
N ALA A 407 -17.54 7.26 8.74
CA ALA A 407 -18.02 8.51 9.34
C ALA A 407 -17.20 8.78 10.59
N PHE A 408 -16.93 7.74 11.36
CA PHE A 408 -16.19 7.94 12.60
C PHE A 408 -14.79 8.47 12.31
N THR A 409 -14.16 7.94 11.28
CA THR A 409 -12.81 8.37 10.93
C THR A 409 -12.83 9.83 10.52
N CYS A 410 -13.88 10.22 9.82
CA CYS A 410 -14.01 11.60 9.38
C CYS A 410 -14.21 12.51 10.58
N GLU A 411 -15.07 12.11 11.50
CA GLU A 411 -15.23 12.89 12.72
C GLU A 411 -13.92 12.97 13.46
N LEU A 412 -13.21 11.86 13.56
CA LEU A 412 -11.90 11.86 14.19
C LEU A 412 -11.00 12.89 13.53
N PHE A 413 -10.93 12.86 12.20
CA PHE A 413 -10.12 13.81 11.47
C PHE A 413 -10.59 15.23 11.75
N SER A 414 -11.91 15.42 11.74
CA SER A 414 -12.50 16.73 11.98
C SER A 414 -12.03 17.24 13.32
N ARG A 415 -12.16 16.40 14.33
CA ARG A 415 -11.75 16.74 15.68
C ARG A 415 -10.24 16.96 15.79
N VAL A 416 -9.45 16.16 15.07
CA VAL A 416 -8.01 16.37 15.07
C VAL A 416 -7.68 17.71 14.42
N GLU A 417 -8.31 17.99 13.28
CA GLU A 417 -8.13 19.26 12.58
C GLU A 417 -8.35 20.45 13.52
N ASP A 418 -9.37 20.35 14.36
CA ASP A 418 -9.64 21.37 15.35
C ASP A 418 -8.47 21.47 16.31
N VAL A 419 -8.03 20.34 16.85
CA VAL A 419 -6.93 20.36 17.79
C VAL A 419 -5.68 20.96 17.14
N LEU A 420 -5.48 20.67 15.87
CA LEU A 420 -4.28 21.10 15.18
C LEU A 420 -4.42 22.48 14.60
N GLY A 421 -5.60 23.07 14.78
CA GLY A 421 -5.89 24.36 14.20
C GLY A 421 -5.87 24.32 12.69
N LEU A 422 -6.14 23.14 12.13
CA LEU A 422 -6.16 22.99 10.69
C LEU A 422 -7.54 23.27 10.14
N PRO A 423 -7.59 23.77 8.90
CA PRO A 423 -8.87 23.96 8.22
C PRO A 423 -9.57 22.62 8.16
N GLN A 424 -10.87 22.62 8.37
CA GLN A 424 -11.65 21.40 8.24
C GLN A 424 -11.40 20.73 6.88
N ASN A 425 -11.26 19.41 6.90
CA ASN A 425 -11.06 18.64 5.67
C ASN A 425 -9.66 18.75 5.08
N THR A 426 -8.73 19.33 5.84
CA THR A 426 -7.33 19.25 5.47
C THR A 426 -6.90 17.79 5.44
N MET A 427 -7.37 17.03 6.43
CA MET A 427 -7.02 15.63 6.53
C MET A 427 -7.91 14.79 5.63
N LYS A 428 -7.32 14.38 4.53
CA LYS A 428 -8.01 13.63 3.52
C LYS A 428 -7.88 12.17 3.88
N ILE A 429 -8.81 11.37 3.39
CA ILE A 429 -8.81 9.98 3.76
C ILE A 429 -8.66 9.13 2.52
N GLY A 430 -7.73 8.19 2.57
CA GLY A 430 -7.63 7.17 1.54
C GLY A 430 -8.39 5.99 2.10
N ILE A 431 -9.57 5.71 1.56
CA ILE A 431 -10.36 4.63 2.12
C ILE A 431 -9.91 3.29 1.59
N MET A 432 -9.41 2.42 2.47
CA MET A 432 -9.15 1.06 2.08
C MET A 432 -10.48 0.35 2.01
N ASP A 433 -10.76 -0.28 0.87
CA ASP A 433 -11.89 -1.18 0.74
C ASP A 433 -11.29 -2.55 0.88
N GLU A 434 -11.24 -3.05 2.10
CA GLU A 434 -10.53 -4.27 2.38
C GLU A 434 -11.25 -5.04 3.47
N GLU A 435 -12.49 -4.65 3.74
CA GLU A 435 -13.38 -5.36 4.64
C GLU A 435 -14.72 -5.54 3.96
N ARG A 436 -15.31 -6.71 4.12
CA ARG A 436 -16.52 -7.04 3.41
C ARG A 436 -17.62 -6.03 3.68
N ARG A 437 -17.76 -5.63 4.94
CA ARG A 437 -18.85 -4.71 5.28
C ARG A 437 -18.64 -3.33 4.68
N THR A 438 -17.41 -3.03 4.31
CA THR A 438 -17.16 -1.80 3.59
C THR A 438 -17.52 -2.03 2.13
N THR A 439 -17.04 -3.15 1.60
CA THR A 439 -17.30 -3.52 0.22
C THR A 439 -18.78 -3.41 -0.19
N VAL A 440 -19.65 -4.03 0.59
CA VAL A 440 -21.05 -4.12 0.20
C VAL A 440 -21.78 -2.84 0.59
N ASN A 441 -21.07 -1.93 1.24
CA ASN A 441 -21.63 -0.62 1.53
C ASN A 441 -20.70 0.47 1.01
N LEU A 442 -19.97 0.15 -0.06
CA LEU A 442 -18.86 1.00 -0.46
C LEU A 442 -19.32 2.42 -0.76
N LYS A 443 -20.44 2.54 -1.47
CA LYS A 443 -20.97 3.83 -1.87
C LYS A 443 -21.28 4.70 -0.67
N ALA A 444 -21.94 4.11 0.32
CA ALA A 444 -22.21 4.79 1.59
C ALA A 444 -20.91 5.19 2.29
N CYS A 445 -19.92 4.30 2.30
CA CYS A 445 -18.64 4.62 2.90
C CYS A 445 -18.01 5.82 2.21
N ILE A 446 -18.06 5.83 0.88
CA ILE A 446 -17.48 6.93 0.13
C ILE A 446 -18.27 8.18 0.45
N LYS A 447 -19.57 8.02 0.56
CA LYS A 447 -20.44 9.13 0.86
C LYS A 447 -20.08 9.72 2.21
N ALA A 448 -19.77 8.85 3.17
CA ALA A 448 -19.47 9.30 4.52
C ALA A 448 -18.25 10.19 4.50
N ALA A 449 -17.41 10.03 3.50
CA ALA A 449 -16.16 10.76 3.41
C ALA A 449 -16.14 11.60 2.15
N ALA A 450 -17.33 11.97 1.67
CA ALA A 450 -17.48 12.64 0.39
C ALA A 450 -16.60 13.88 0.25
N ASP A 451 -16.28 14.54 1.36
CA ASP A 451 -15.48 15.75 1.29
C ASP A 451 -14.06 15.52 1.75
N ARG A 452 -13.70 14.29 2.11
CA ARG A 452 -12.33 14.01 2.48
C ARG A 452 -11.67 12.99 1.59
N VAL A 453 -12.46 12.18 0.91
CA VAL A 453 -11.87 11.00 0.31
C VAL A 453 -10.97 11.37 -0.87
N VAL A 454 -9.74 10.85 -0.84
CA VAL A 454 -8.84 11.03 -1.97
C VAL A 454 -8.50 9.71 -2.62
N PHE A 455 -8.91 8.61 -2.00
CA PHE A 455 -8.90 7.37 -2.75
C PHE A 455 -9.73 6.29 -2.11
N ILE A 456 -10.06 5.31 -2.93
CA ILE A 456 -10.51 4.04 -2.41
C ILE A 456 -9.51 3.08 -3.00
N ASN A 457 -9.27 2.00 -2.28
CA ASN A 457 -8.30 1.04 -2.73
C ASN A 457 -8.76 -0.35 -2.30
N THR A 458 -8.64 -1.30 -3.20
CA THR A 458 -9.03 -2.65 -2.86
C THR A 458 -7.84 -3.33 -2.22
N GLY A 459 -7.82 -3.30 -0.90
CA GLY A 459 -6.82 -4.03 -0.13
C GLY A 459 -7.24 -5.50 -0.15
N PHE A 460 -7.05 -6.13 -1.30
CA PHE A 460 -7.58 -7.47 -1.56
C PHE A 460 -7.11 -8.55 -0.57
N LEU A 461 -5.95 -8.35 0.04
CA LEU A 461 -5.46 -9.34 0.99
C LEU A 461 -6.25 -9.34 2.30
N ASP A 462 -6.35 -8.19 2.94
CA ASP A 462 -7.17 -8.07 4.13
C ASP A 462 -8.59 -8.48 3.81
N ARG A 463 -9.03 -8.07 2.61
CA ARG A 463 -10.38 -8.32 2.20
C ARG A 463 -10.66 -9.83 2.18
N THR A 464 -9.67 -10.58 1.77
CA THR A 464 -9.82 -12.03 1.71
C THR A 464 -9.86 -12.56 3.13
N GLY A 465 -8.99 -12.02 3.97
CA GLY A 465 -9.00 -12.36 5.38
C GLY A 465 -10.40 -12.15 5.92
N ASP A 466 -10.97 -10.97 5.65
CA ASP A 466 -12.30 -10.66 6.18
C ASP A 466 -13.35 -11.59 5.60
N GLU A 467 -13.21 -11.89 4.31
CA GLU A 467 -14.13 -12.78 3.63
C GLU A 467 -14.22 -14.11 4.38
N ILE A 468 -13.06 -14.68 4.65
CA ILE A 468 -12.97 -15.95 5.35
C ILE A 468 -13.55 -15.84 6.76
N HIS A 469 -13.16 -14.81 7.50
CA HIS A 469 -13.63 -14.72 8.86
C HIS A 469 -15.13 -14.54 8.90
N THR A 470 -15.64 -13.69 8.02
CA THR A 470 -17.06 -13.36 8.04
C THR A 470 -17.89 -14.60 7.85
N SER A 471 -17.42 -15.48 6.98
CA SER A 471 -18.17 -16.69 6.64
C SER A 471 -17.52 -17.93 7.20
N MET A 472 -16.64 -17.71 8.18
CA MET A 472 -15.99 -18.78 8.90
C MET A 472 -16.94 -19.96 9.15
N GLU A 473 -18.16 -19.67 9.62
CA GLU A 473 -19.09 -20.71 10.04
C GLU A 473 -19.83 -21.38 8.87
N ALA A 474 -19.70 -20.82 7.65
CA ALA A 474 -20.44 -21.32 6.48
C ALA A 474 -19.96 -22.67 5.95
N GLY A 475 -18.66 -22.87 5.94
CA GLY A 475 -18.10 -24.11 5.46
C GLY A 475 -16.63 -23.87 5.20
N PRO A 476 -15.93 -24.90 4.73
CA PRO A 476 -14.52 -24.75 4.36
C PRO A 476 -14.39 -23.82 3.18
N MET A 477 -13.40 -22.92 3.22
CA MET A 477 -13.15 -21.97 2.13
C MET A 477 -12.22 -22.61 1.13
N VAL A 478 -12.27 -22.11 -0.11
CA VAL A 478 -11.31 -22.52 -1.11
C VAL A 478 -9.92 -22.19 -0.63
N ARG A 479 -8.93 -22.80 -1.28
CA ARG A 479 -7.55 -22.55 -0.95
C ARG A 479 -7.17 -21.12 -1.17
N LYS A 480 -6.15 -20.68 -0.44
CA LYS A 480 -5.66 -19.31 -0.48
C LYS A 480 -5.41 -18.83 -1.91
N GLY A 481 -4.69 -19.62 -2.70
CA GLY A 481 -4.32 -19.23 -4.05
C GLY A 481 -5.53 -19.15 -4.96
N THR A 482 -6.58 -19.88 -4.59
CA THR A 482 -7.82 -19.87 -5.34
C THR A 482 -8.58 -18.55 -5.13
N MET A 483 -8.41 -17.97 -3.95
CA MET A 483 -9.19 -16.80 -3.55
C MET A 483 -9.11 -15.65 -4.52
N LYS A 484 -7.93 -15.43 -5.08
CA LYS A 484 -7.71 -14.30 -5.98
C LYS A 484 -8.59 -14.35 -7.21
N SER A 485 -9.15 -15.51 -7.52
CA SER A 485 -9.94 -15.63 -8.75
C SER A 485 -11.39 -15.95 -8.45
N GLN A 486 -11.74 -15.91 -7.17
CA GLN A 486 -13.11 -16.20 -6.77
C GLN A 486 -14.06 -15.11 -7.21
N PRO A 487 -15.30 -15.50 -7.53
CA PRO A 487 -16.28 -14.51 -7.96
C PRO A 487 -16.41 -13.33 -6.98
N TRP A 488 -16.46 -13.58 -5.67
CA TRP A 488 -16.63 -12.47 -4.75
C TRP A 488 -15.55 -11.40 -4.94
N ILE A 489 -14.32 -11.83 -5.14
CA ILE A 489 -13.22 -10.88 -5.16
C ILE A 489 -13.16 -10.13 -6.49
N LEU A 490 -13.52 -10.83 -7.55
CA LEU A 490 -13.53 -10.19 -8.86
C LEU A 490 -14.65 -9.17 -8.88
N ALA A 491 -15.78 -9.53 -8.29
CA ALA A 491 -16.89 -8.59 -8.18
C ALA A 491 -16.47 -7.41 -7.29
N TYR A 492 -15.79 -7.74 -6.20
CA TYR A 492 -15.34 -6.73 -5.26
C TYR A 492 -14.41 -5.74 -5.95
N GLU A 493 -13.50 -6.27 -6.76
CA GLU A 493 -12.58 -5.43 -7.51
C GLU A 493 -13.35 -4.49 -8.45
N ASP A 494 -14.27 -5.05 -9.23
CA ASP A 494 -15.05 -4.24 -10.16
C ASP A 494 -15.98 -3.26 -9.45
N HIS A 495 -16.65 -3.75 -8.43
CA HIS A 495 -17.58 -2.95 -7.66
C HIS A 495 -16.86 -1.73 -7.07
N ASN A 496 -15.62 -1.95 -6.64
CA ASN A 496 -14.86 -0.86 -6.07
C ASN A 496 -14.65 0.23 -7.11
N VAL A 497 -14.13 -0.15 -8.27
CA VAL A 497 -13.93 0.79 -9.35
C VAL A 497 -15.23 1.51 -9.72
N ASP A 498 -16.30 0.74 -9.85
CA ASP A 498 -17.60 1.30 -10.23
C ASP A 498 -18.03 2.37 -9.25
N ALA A 499 -17.92 2.06 -7.96
CA ALA A 499 -18.34 2.97 -6.91
C ALA A 499 -17.53 4.26 -6.97
N GLY A 500 -16.21 4.12 -7.10
CA GLY A 500 -15.36 5.29 -7.20
C GLY A 500 -15.75 6.14 -8.39
N LEU A 501 -15.83 5.50 -9.56
CA LEU A 501 -16.14 6.21 -10.79
C LEU A 501 -17.51 6.88 -10.71
N ALA A 502 -18.48 6.15 -10.17
CA ALA A 502 -19.82 6.68 -9.99
C ALA A 502 -19.82 7.82 -8.96
N ALA A 503 -18.86 7.82 -8.06
CA ALA A 503 -18.78 8.88 -7.07
C ALA A 503 -17.98 10.05 -7.63
N GLY A 504 -17.60 9.94 -8.89
CA GLY A 504 -16.90 11.03 -9.56
C GLY A 504 -15.41 11.06 -9.28
N PHE A 505 -14.84 9.91 -8.93
CA PHE A 505 -13.43 9.85 -8.56
C PHE A 505 -12.56 10.28 -9.72
N SER A 506 -13.04 10.02 -10.93
CA SER A 506 -12.26 10.34 -12.10
C SER A 506 -11.92 11.83 -12.14
N GLY A 507 -10.64 12.14 -12.04
CA GLY A 507 -10.19 13.53 -12.04
C GLY A 507 -10.21 14.13 -10.65
N ARG A 508 -10.54 13.33 -9.64
CA ARG A 508 -10.76 13.85 -8.30
C ARG A 508 -10.06 13.03 -7.21
N ALA A 509 -10.06 11.71 -7.35
CA ALA A 509 -9.51 10.85 -6.33
C ALA A 509 -8.99 9.60 -6.99
N GLN A 510 -8.05 8.93 -6.35
CA GLN A 510 -7.53 7.72 -6.92
C GLN A 510 -8.49 6.55 -6.73
N VAL A 511 -8.60 5.73 -7.76
CA VAL A 511 -9.21 4.43 -7.63
C VAL A 511 -8.04 3.46 -7.69
N GLY A 512 -7.74 2.84 -6.56
CA GLY A 512 -6.51 2.09 -6.44
C GLY A 512 -6.71 0.61 -6.25
N LYS A 513 -5.71 -0.16 -6.68
CA LYS A 513 -5.79 -1.59 -6.46
C LYS A 513 -4.55 -2.10 -5.76
N GLY A 514 -4.57 -3.37 -5.41
CA GLY A 514 -3.67 -3.88 -4.40
C GLY A 514 -2.26 -4.17 -4.82
N MET A 515 -1.54 -4.76 -3.88
CA MET A 515 -0.11 -4.85 -3.94
C MET A 515 0.32 -6.03 -4.76
N TRP A 516 1.36 -5.83 -5.56
CA TRP A 516 2.06 -6.95 -6.15
C TRP A 516 3.11 -7.42 -5.14
N THR A 517 2.98 -8.65 -4.69
CA THR A 517 3.79 -9.12 -3.57
C THR A 517 4.98 -9.97 -3.99
N MET A 518 5.04 -10.35 -5.26
CA MET A 518 6.14 -11.20 -5.71
C MET A 518 7.29 -10.35 -6.22
N THR A 519 8.09 -9.89 -5.28
CA THR A 519 9.12 -8.88 -5.54
C THR A 519 10.14 -9.31 -6.57
N GLU A 520 10.30 -10.61 -6.76
CA GLU A 520 11.29 -11.09 -7.71
C GLU A 520 10.67 -11.47 -9.03
N LEU A 521 9.34 -11.55 -9.06
CA LEU A 521 8.65 -11.93 -10.27
C LEU A 521 8.18 -10.69 -11.00
N MET A 522 9.15 -9.90 -11.44
CA MET A 522 8.87 -8.64 -12.10
C MET A 522 8.40 -8.86 -13.53
N ALA A 523 8.97 -9.86 -14.20
CA ALA A 523 8.46 -10.20 -15.53
C ALA A 523 6.98 -10.46 -15.36
N ASP A 524 6.63 -11.25 -14.35
CA ASP A 524 5.25 -11.62 -14.12
C ASP A 524 4.44 -10.37 -13.81
N MET A 525 5.00 -9.50 -12.99
CA MET A 525 4.27 -8.29 -12.65
C MET A 525 3.95 -7.50 -13.91
N VAL A 526 4.96 -7.32 -14.75
CA VAL A 526 4.80 -6.49 -15.94
C VAL A 526 3.74 -7.10 -16.82
N GLU A 527 3.72 -8.42 -16.89
CA GLU A 527 2.74 -9.09 -17.75
C GLU A 527 1.33 -8.97 -17.18
N THR A 528 1.20 -9.13 -15.87
CA THR A 528 -0.15 -9.31 -15.33
C THR A 528 -0.74 -8.08 -14.63
N LYS A 529 0.11 -7.27 -14.00
CA LYS A 529 -0.39 -6.16 -13.20
C LYS A 529 -1.01 -5.07 -14.07
N ILE A 530 -0.71 -5.10 -15.37
CA ILE A 530 -1.37 -4.22 -16.32
C ILE A 530 -2.90 -4.33 -16.20
N ALA A 531 -3.38 -5.44 -15.64
CA ALA A 531 -4.82 -5.65 -15.48
C ALA A 531 -5.46 -4.57 -14.61
N GLN A 532 -4.69 -4.01 -13.71
CA GLN A 532 -5.25 -3.05 -12.76
C GLN A 532 -5.59 -1.70 -13.41
N PRO A 533 -4.64 -1.09 -14.13
CA PRO A 533 -5.01 0.13 -14.85
C PRO A 533 -6.03 -0.20 -15.94
N ARG A 534 -5.93 -1.38 -16.54
CA ARG A 534 -6.92 -1.78 -17.54
C ARG A 534 -8.29 -1.84 -16.91
N ALA A 535 -8.32 -2.10 -15.61
CA ALA A 535 -9.58 -2.20 -14.91
C ALA A 535 -10.03 -0.82 -14.41
N GLY A 536 -9.32 0.22 -14.81
CA GLY A 536 -9.72 1.58 -14.47
C GLY A 536 -9.12 2.10 -13.18
N ALA A 537 -8.15 1.37 -12.64
CA ALA A 537 -7.44 1.82 -11.45
C ALA A 537 -6.45 2.90 -11.84
N SER A 538 -6.61 4.10 -11.28
CA SER A 538 -5.69 5.17 -11.56
C SER A 538 -4.43 4.95 -10.76
N THR A 539 -4.44 3.96 -9.88
CA THR A 539 -3.24 3.59 -9.15
C THR A 539 -3.32 2.18 -8.62
N ALA A 540 -2.15 1.62 -8.34
CA ALA A 540 -2.07 0.33 -7.70
C ALA A 540 -0.75 0.21 -6.96
N TRP A 541 -0.70 -0.72 -6.01
CA TRP A 541 0.41 -0.74 -5.07
C TRP A 541 1.56 -1.61 -5.52
N VAL A 542 2.75 -1.08 -5.38
CA VAL A 542 3.96 -1.83 -5.59
C VAL A 542 4.72 -1.76 -4.29
N PRO A 543 5.63 -2.70 -4.06
CA PRO A 543 6.32 -2.89 -2.80
C PRO A 543 7.68 -2.21 -2.81
N SER A 544 8.10 -1.72 -3.97
CA SER A 544 9.43 -1.17 -4.09
C SER A 544 9.55 -0.18 -5.23
N PRO A 545 10.52 0.72 -5.12
CA PRO A 545 10.84 1.68 -6.17
C PRO A 545 11.00 0.98 -7.50
N THR A 546 11.70 -0.15 -7.49
CA THR A 546 11.90 -0.92 -8.71
C THR A 546 10.58 -1.33 -9.31
N ALA A 547 9.72 -1.88 -8.47
CA ALA A 547 8.42 -2.33 -8.92
C ALA A 547 7.61 -1.14 -9.44
N ALA A 548 7.74 0.00 -8.77
CA ALA A 548 7.00 1.18 -9.17
C ALA A 548 7.40 1.58 -10.60
N THR A 549 8.71 1.59 -10.86
CA THR A 549 9.22 1.91 -12.19
C THR A 549 8.65 0.96 -13.24
N LEU A 550 8.67 -0.32 -12.93
CA LEU A 550 8.20 -1.29 -13.90
C LEU A 550 6.69 -1.18 -14.05
N HIS A 551 5.99 -0.97 -12.95
CA HIS A 551 4.53 -0.85 -13.01
C HIS A 551 4.12 0.44 -13.73
N ALA A 552 5.00 1.43 -13.70
CA ALA A 552 4.78 2.66 -14.44
C ALA A 552 4.57 2.37 -15.92
N LEU A 553 5.24 1.34 -16.42
CA LEU A 553 5.13 0.96 -17.82
C LEU A 553 3.67 0.77 -18.19
N HIS A 554 2.93 0.16 -17.28
CA HIS A 554 1.53 -0.12 -17.49
C HIS A 554 0.72 1.14 -17.74
N TYR A 555 1.06 2.23 -17.05
CA TYR A 555 0.29 3.46 -17.17
C TYR A 555 0.65 4.18 -18.45
N HIS A 556 1.77 3.81 -19.04
CA HIS A 556 2.09 4.31 -20.36
C HIS A 556 1.31 3.54 -21.41
N GLN A 557 1.10 2.25 -21.18
CA GLN A 557 0.39 1.42 -22.14
C GLN A 557 -1.09 1.62 -22.04
N VAL A 558 -1.57 1.82 -20.82
CA VAL A 558 -2.99 1.91 -20.60
C VAL A 558 -3.35 3.35 -20.35
N ASP A 559 -4.37 3.81 -21.07
CA ASP A 559 -4.90 5.15 -20.84
C ASP A 559 -5.98 5.07 -19.77
N VAL A 560 -5.56 5.13 -18.51
CA VAL A 560 -6.50 4.97 -17.41
C VAL A 560 -7.64 5.97 -17.47
N ALA A 561 -7.34 7.20 -17.84
CA ALA A 561 -8.39 8.21 -17.90
C ALA A 561 -9.48 7.74 -18.86
N ALA A 562 -9.06 7.23 -20.02
CA ALA A 562 -9.98 6.69 -21.01
C ALA A 562 -10.70 5.45 -20.49
N VAL A 563 -9.97 4.56 -19.85
CA VAL A 563 -10.60 3.36 -19.32
C VAL A 563 -11.70 3.77 -18.36
N GLN A 564 -11.38 4.73 -17.49
CA GLN A 564 -12.36 5.17 -16.52
C GLN A 564 -13.57 5.81 -17.20
N GLN A 565 -13.31 6.66 -18.18
CA GLN A 565 -14.37 7.31 -18.93
C GLN A 565 -15.27 6.23 -19.54
N GLY A 566 -14.65 5.18 -20.05
CA GLY A 566 -15.37 4.10 -20.68
C GLY A 566 -16.17 3.27 -19.69
N LEU A 567 -15.72 3.23 -18.45
CA LEU A 567 -16.42 2.45 -17.43
C LEU A 567 -17.60 3.22 -16.84
N ALA A 568 -17.65 4.51 -17.10
CA ALA A 568 -18.63 5.38 -16.45
C ALA A 568 -20.06 4.86 -16.61
N GLY A 569 -20.79 4.82 -15.50
CA GLY A 569 -22.18 4.38 -15.51
C GLY A 569 -22.37 2.88 -15.46
N LYS A 570 -21.28 2.12 -15.60
CA LYS A 570 -21.39 0.67 -15.55
C LYS A 570 -21.57 0.13 -14.15
N ARG A 571 -22.43 -0.87 -14.02
CA ARG A 571 -22.55 -1.61 -12.78
C ARG A 571 -22.19 -3.05 -13.08
N ARG A 572 -20.92 -3.39 -12.85
CA ARG A 572 -20.39 -4.67 -13.31
C ARG A 572 -20.39 -5.76 -12.24
N ALA A 573 -20.89 -5.43 -11.07
CA ALA A 573 -20.93 -6.36 -9.97
C ALA A 573 -22.24 -6.16 -9.27
N THR A 574 -22.91 -7.26 -8.95
CA THR A 574 -24.14 -7.21 -8.20
C THR A 574 -23.85 -7.50 -6.75
N ILE A 575 -24.76 -7.10 -5.88
CA ILE A 575 -24.65 -7.43 -4.47
C ILE A 575 -24.51 -8.96 -4.29
N GLU A 576 -25.22 -9.73 -5.11
CA GLU A 576 -25.17 -11.18 -5.01
C GLU A 576 -23.76 -11.69 -5.25
N GLN A 577 -23.11 -11.12 -6.27
CA GLN A 577 -21.74 -11.49 -6.58
C GLN A 577 -20.82 -11.15 -5.41
N LEU A 578 -20.90 -9.92 -4.95
CA LEU A 578 -20.10 -9.49 -3.81
C LEU A 578 -20.23 -10.47 -2.65
N LEU A 579 -21.46 -10.95 -2.44
CA LEU A 579 -21.79 -11.78 -1.30
C LEU A 579 -21.58 -13.27 -1.54
N THR A 580 -21.02 -13.62 -2.69
CA THR A 580 -20.78 -15.03 -2.99
C THR A 580 -19.61 -15.54 -2.17
N ILE A 581 -19.92 -16.15 -1.04
CA ILE A 581 -18.91 -16.73 -0.16
C ILE A 581 -18.06 -17.79 -0.87
N PRO A 582 -16.73 -17.68 -0.73
CA PRO A 582 -15.84 -18.60 -1.45
C PRO A 582 -15.75 -19.99 -0.81
N LEU A 583 -16.89 -20.60 -0.53
CA LEU A 583 -16.96 -21.95 -0.01
C LEU A 583 -16.36 -22.93 -1.00
N ALA A 584 -15.51 -23.83 -0.52
CA ALA A 584 -14.97 -24.90 -1.34
C ALA A 584 -16.08 -25.87 -1.73
N LYS A 585 -16.00 -26.40 -2.94
CA LYS A 585 -16.94 -27.43 -3.36
C LYS A 585 -16.65 -28.70 -2.59
N GLU A 586 -17.68 -29.53 -2.47
CA GLU A 586 -17.59 -30.77 -1.73
C GLU A 586 -16.35 -31.57 -2.14
N LEU A 587 -15.56 -32.00 -1.17
CA LEU A 587 -14.44 -32.89 -1.45
C LEU A 587 -13.51 -32.31 -2.53
N ALA A 588 -13.21 -31.02 -2.42
CA ALA A 588 -12.47 -30.33 -3.48
C ALA A 588 -11.01 -30.77 -3.65
N TRP A 589 -10.41 -31.31 -2.58
CA TRP A 589 -8.97 -31.50 -2.57
C TRP A 589 -8.51 -32.90 -2.21
N ALA A 590 -7.50 -33.37 -2.95
CA ALA A 590 -6.82 -34.60 -2.58
C ALA A 590 -6.04 -34.32 -1.32
N PRO A 591 -5.73 -35.36 -0.55
CA PRO A 591 -4.93 -35.21 0.68
C PRO A 591 -3.65 -34.41 0.44
N ASP A 592 -2.96 -34.67 -0.66
CA ASP A 592 -1.69 -33.98 -0.92
C ASP A 592 -1.92 -32.47 -1.13
N GLU A 593 -3.07 -32.14 -1.67
CA GLU A 593 -3.40 -30.74 -1.93
C GLU A 593 -3.71 -30.05 -0.62
N ILE A 594 -4.44 -30.73 0.25
CA ILE A 594 -4.73 -30.19 1.57
C ILE A 594 -3.44 -29.97 2.33
N ARG A 595 -2.56 -30.97 2.25
CA ARG A 595 -1.27 -30.91 2.92
C ARG A 595 -0.46 -29.72 2.44
N GLU A 596 -0.35 -29.58 1.12
CA GLU A 596 0.41 -28.47 0.56
C GLU A 596 -0.18 -27.13 0.98
N GLU A 597 -1.49 -27.04 1.02
CA GLU A 597 -2.15 -25.80 1.40
C GLU A 597 -1.84 -25.50 2.85
N VAL A 598 -1.92 -26.52 3.70
CA VAL A 598 -1.55 -26.34 5.11
C VAL A 598 -0.10 -25.92 5.27
N ASP A 599 0.81 -26.65 4.66
CA ASP A 599 2.23 -26.27 4.65
C ASP A 599 2.43 -24.87 4.07
N ASN A 600 1.70 -24.59 3.00
CA ASN A 600 1.79 -23.28 2.36
C ASN A 600 1.50 -22.21 3.40
N ASN A 601 0.35 -22.37 4.06
CA ASN A 601 -0.10 -21.38 5.03
C ASN A 601 0.76 -21.32 6.27
N CYS A 602 1.17 -22.48 6.79
CA CYS A 602 1.99 -22.48 7.99
C CYS A 602 3.32 -21.83 7.71
N GLN A 603 3.90 -22.13 6.56
CA GLN A 603 5.17 -21.55 6.18
C GLN A 603 5.07 -20.04 6.11
N SER A 604 4.02 -19.53 5.49
CA SER A 604 3.93 -18.10 5.32
C SER A 604 3.64 -17.45 6.67
N ILE A 605 2.80 -18.09 7.48
CA ILE A 605 2.55 -17.59 8.82
C ILE A 605 3.85 -17.55 9.60
N LEU A 606 4.51 -18.70 9.70
CA LEU A 606 5.77 -18.77 10.46
C LEU A 606 6.83 -17.81 9.94
N GLY A 607 7.02 -17.78 8.63
CA GLY A 607 8.05 -16.95 8.03
C GLY A 607 7.79 -15.49 8.32
N TYR A 608 6.52 -15.08 8.26
CA TYR A 608 6.18 -13.71 8.53
C TYR A 608 6.29 -13.44 10.03
N VAL A 609 5.63 -14.26 10.82
CA VAL A 609 5.54 -14.06 12.26
C VAL A 609 6.90 -14.00 12.99
N VAL A 610 7.79 -14.92 12.65
CA VAL A 610 9.06 -15.01 13.35
C VAL A 610 9.82 -13.68 13.26
N ARG A 611 9.76 -13.02 12.11
CA ARG A 611 10.45 -11.76 11.96
C ARG A 611 9.66 -10.63 12.60
N TRP A 612 8.33 -10.78 12.61
CA TRP A 612 7.48 -9.81 13.25
C TRP A 612 7.79 -9.84 14.73
N VAL A 613 7.66 -11.03 15.31
CA VAL A 613 7.74 -11.19 16.74
C VAL A 613 9.17 -10.98 17.24
N ASP A 614 10.15 -11.51 16.52
CA ASP A 614 11.53 -11.48 16.98
C ASP A 614 12.29 -10.20 16.64
N GLN A 615 11.94 -9.57 15.53
CA GLN A 615 12.74 -8.44 15.07
C GLN A 615 11.92 -7.19 14.81
N GLY A 616 10.63 -7.26 15.08
CA GLY A 616 9.77 -6.11 14.89
C GLY A 616 9.78 -5.65 13.45
N VAL A 617 9.90 -6.59 12.52
CA VAL A 617 9.84 -6.30 11.10
C VAL A 617 8.46 -6.69 10.59
N GLY A 618 7.75 -5.72 10.04
CA GLY A 618 6.36 -5.92 9.66
C GLY A 618 6.13 -6.34 8.22
N ALA A 619 7.16 -6.21 7.40
CA ALA A 619 7.04 -6.64 6.01
C ALA A 619 8.39 -7.17 5.59
N SER A 620 8.39 -8.37 5.06
CA SER A 620 9.66 -9.01 4.70
C SER A 620 9.51 -9.86 3.45
N LYS A 621 10.58 -9.92 2.67
CA LYS A 621 10.65 -10.89 1.60
C LYS A 621 10.80 -12.24 2.26
N VAL A 622 9.68 -12.93 2.40
CA VAL A 622 9.64 -14.29 2.93
C VAL A 622 9.50 -15.27 1.79
N PRO A 623 10.49 -16.15 1.62
CA PRO A 623 10.30 -17.21 0.62
C PRO A 623 9.08 -18.02 1.00
N ASP A 624 8.31 -18.48 0.02
CA ASP A 624 7.14 -19.28 0.31
C ASP A 624 7.49 -20.75 0.13
N ILE A 625 6.48 -21.61 0.16
CA ILE A 625 6.71 -23.05 0.03
C ILE A 625 7.44 -23.41 -1.29
N HIS A 626 7.07 -22.75 -2.38
CA HIS A 626 7.72 -22.98 -3.66
C HIS A 626 8.96 -22.10 -3.81
N ASP A 627 9.35 -21.48 -2.71
CA ASP A 627 10.56 -20.65 -2.66
C ASP A 627 10.43 -19.28 -3.36
N VAL A 628 9.22 -18.96 -3.83
CA VAL A 628 8.94 -17.65 -4.39
C VAL A 628 9.00 -16.57 -3.31
N ALA A 629 9.79 -15.52 -3.56
CA ALA A 629 9.87 -14.40 -2.62
C ALA A 629 8.58 -13.60 -2.61
N LEU A 630 7.85 -13.70 -1.50
CA LEU A 630 6.67 -12.88 -1.29
C LEU A 630 7.00 -11.79 -0.28
N MET A 631 6.56 -10.58 -0.56
CA MET A 631 6.59 -9.54 0.46
C MET A 631 5.36 -9.64 1.33
N GLU A 632 5.49 -10.40 2.40
CA GLU A 632 4.42 -10.62 3.37
C GLU A 632 4.19 -9.43 4.31
N ASP A 633 3.00 -8.85 4.27
CA ASP A 633 2.59 -7.96 5.35
C ASP A 633 1.55 -8.68 6.22
N ARG A 634 0.97 -7.95 7.17
CA ARG A 634 0.10 -8.56 8.14
C ARG A 634 -1.13 -9.21 7.51
N ALA A 635 -1.61 -8.64 6.42
CA ALA A 635 -2.80 -9.16 5.78
C ALA A 635 -2.60 -10.58 5.26
N THR A 636 -1.41 -10.87 4.74
CA THR A 636 -1.13 -12.22 4.27
C THR A 636 -1.26 -13.15 5.46
N LEU A 637 -0.85 -12.64 6.62
CA LEU A 637 -0.99 -13.37 7.86
C LEU A 637 -2.45 -13.60 8.20
N ARG A 638 -3.25 -12.56 8.00
CA ARG A 638 -4.67 -12.66 8.26
C ARG A 638 -5.30 -13.75 7.39
N ILE A 639 -4.99 -13.73 6.10
CA ILE A 639 -5.51 -14.76 5.21
C ILE A 639 -5.09 -16.16 5.64
N SER A 640 -3.78 -16.38 5.76
CA SER A 640 -3.30 -17.73 5.99
C SER A 640 -3.89 -18.31 7.27
N SER A 641 -3.82 -17.54 8.34
CA SER A 641 -4.26 -18.00 9.64
C SER A 641 -5.77 -18.22 9.64
N GLN A 642 -6.49 -17.34 8.95
CA GLN A 642 -7.93 -17.50 8.85
C GLN A 642 -8.30 -18.72 8.02
N LEU A 643 -7.56 -18.94 6.95
CA LEU A 643 -7.81 -20.08 6.08
C LEU A 643 -7.61 -21.34 6.90
N LEU A 644 -6.46 -21.45 7.56
CA LEU A 644 -6.18 -22.59 8.41
C LEU A 644 -7.23 -22.74 9.50
N ALA A 645 -7.57 -21.64 10.16
CA ALA A 645 -8.63 -21.66 11.18
C ALA A 645 -9.91 -22.17 10.58
N ASN A 646 -10.19 -21.77 9.35
CA ASN A 646 -11.42 -22.19 8.70
C ASN A 646 -11.41 -23.68 8.35
N TRP A 647 -10.29 -24.16 7.87
CA TRP A 647 -10.14 -25.57 7.57
C TRP A 647 -10.20 -26.42 8.84
N LEU A 648 -9.54 -25.94 9.89
CA LEU A 648 -9.60 -26.60 11.17
C LEU A 648 -11.03 -26.56 11.72
N ARG A 649 -11.69 -25.43 11.54
CA ARG A 649 -13.06 -25.26 12.03
C ARG A 649 -13.98 -26.30 11.41
N HIS A 650 -13.74 -26.62 10.15
CA HIS A 650 -14.65 -27.47 9.41
C HIS A 650 -14.09 -28.87 9.11
N GLY A 651 -13.06 -29.26 9.82
CA GLY A 651 -12.58 -30.63 9.77
C GLY A 651 -11.83 -31.01 8.50
N VAL A 652 -11.34 -30.02 7.75
CA VAL A 652 -10.58 -30.31 6.55
C VAL A 652 -9.23 -30.85 6.97
N ILE A 653 -8.75 -30.33 8.08
CA ILE A 653 -7.47 -30.72 8.63
C ILE A 653 -7.66 -30.86 10.13
N THR A 654 -6.74 -31.52 10.80
CA THR A 654 -6.86 -31.69 12.24
C THR A 654 -5.86 -30.80 12.92
N SER A 655 -5.97 -30.68 14.22
CA SER A 655 -5.02 -29.87 14.97
C SER A 655 -3.63 -30.48 14.87
N ALA A 656 -3.54 -31.79 14.66
CA ALA A 656 -2.24 -32.43 14.55
C ALA A 656 -1.64 -32.10 13.20
N ASP A 657 -2.49 -32.02 12.18
CA ASP A 657 -2.05 -31.57 10.87
C ASP A 657 -1.39 -30.20 11.01
N VAL A 658 -2.08 -29.29 11.70
CA VAL A 658 -1.54 -27.96 11.90
C VAL A 658 -0.21 -28.02 12.63
N ARG A 659 -0.19 -28.68 13.77
CA ARG A 659 1.03 -28.78 14.55
C ARG A 659 2.17 -29.35 13.72
N ALA A 660 1.90 -30.47 13.06
CA ALA A 660 2.91 -31.14 12.25
C ALA A 660 3.46 -30.17 11.21
N SER A 661 2.56 -29.43 10.57
CA SER A 661 3.00 -28.55 9.51
C SER A 661 3.83 -27.41 10.11
N LEU A 662 3.35 -26.84 11.20
CA LEU A 662 4.12 -25.78 11.85
C LEU A 662 5.52 -26.28 12.20
N GLU A 663 5.60 -27.50 12.72
CA GLU A 663 6.88 -28.01 13.19
C GLU A 663 7.77 -28.35 12.02
N ARG A 664 7.16 -28.88 10.97
CA ARG A 664 7.85 -29.19 9.74
C ARG A 664 8.36 -27.91 9.06
N MET A 665 7.49 -26.89 8.99
CA MET A 665 7.83 -25.68 8.27
C MET A 665 8.81 -24.82 9.04
N ALA A 666 8.75 -24.91 10.37
CA ALA A 666 9.59 -24.09 11.23
C ALA A 666 11.10 -24.15 10.91
N PRO A 667 11.67 -25.37 10.84
CA PRO A 667 13.12 -25.43 10.62
C PRO A 667 13.50 -24.82 9.28
N LEU A 668 12.62 -24.96 8.30
CA LEU A 668 12.85 -24.37 6.99
C LEU A 668 12.95 -22.85 7.14
N VAL A 669 11.93 -22.27 7.77
CA VAL A 669 11.95 -20.85 8.07
C VAL A 669 13.23 -20.49 8.83
N ASP A 670 13.61 -21.35 9.78
CA ASP A 670 14.85 -21.14 10.52
C ASP A 670 16.02 -21.09 9.54
N ARG A 671 15.95 -21.91 8.50
CA ARG A 671 17.01 -22.01 7.52
C ARG A 671 16.97 -20.81 6.57
N GLN A 672 15.77 -20.34 6.28
CA GLN A 672 15.58 -19.20 5.38
C GLN A 672 15.99 -17.91 6.07
N ASN A 673 16.39 -18.02 7.33
CA ASN A 673 16.93 -16.88 8.06
C ASN A 673 18.37 -17.14 8.52
N ALA A 678 21.27 -12.74 13.61
CA ALA A 678 20.44 -11.78 14.32
C ALA A 678 19.12 -12.49 14.60
N TYR A 679 19.10 -13.78 14.27
CA TYR A 679 17.89 -14.59 14.24
C TYR A 679 17.88 -15.65 15.34
N ARG A 680 16.73 -15.79 16.02
CA ARG A 680 16.52 -16.86 16.98
C ARG A 680 15.74 -18.00 16.34
N PRO A 681 16.37 -19.18 16.23
CA PRO A 681 15.72 -20.34 15.62
C PRO A 681 14.51 -20.78 16.43
N MET A 682 13.47 -21.24 15.74
CA MET A 682 12.26 -21.69 16.42
C MET A 682 12.39 -23.14 16.86
N ALA A 683 12.83 -23.97 15.93
CA ALA A 683 13.13 -25.37 16.22
C ALA A 683 14.45 -25.49 17.00
N PRO A 684 14.62 -26.58 17.74
CA PRO A 684 13.63 -27.66 17.85
C PRO A 684 12.67 -27.39 19.00
N ASN A 685 13.02 -26.43 19.84
CA ASN A 685 12.26 -26.16 21.04
C ASN A 685 11.13 -25.16 20.80
N PHE A 686 10.15 -25.60 20.02
CA PHE A 686 9.11 -24.72 19.54
C PHE A 686 8.38 -23.99 20.66
N ASP A 687 8.03 -24.71 21.71
CA ASP A 687 7.16 -24.10 22.71
C ASP A 687 7.93 -23.15 23.64
N ASP A 688 9.22 -22.96 23.35
CA ASP A 688 10.04 -21.92 24.00
C ASP A 688 10.10 -20.70 23.10
N SER A 689 9.69 -20.87 21.86
CA SER A 689 9.75 -19.82 20.86
C SER A 689 8.47 -19.01 20.88
N ILE A 690 8.54 -17.79 21.35
CA ILE A 690 7.39 -16.91 21.34
C ILE A 690 6.83 -16.79 19.93
N ALA A 691 7.72 -16.68 18.95
CA ALA A 691 7.29 -16.50 17.55
C ALA A 691 6.57 -17.74 17.08
N PHE A 692 7.12 -18.91 17.39
CA PHE A 692 6.43 -20.14 17.07
C PHE A 692 5.06 -20.19 17.75
N LEU A 693 5.01 -19.80 19.03
CA LEU A 693 3.75 -19.82 19.76
C LEU A 693 2.77 -18.82 19.16
N ALA A 694 3.32 -17.71 18.66
CA ALA A 694 2.49 -16.70 18.06
C ALA A 694 1.82 -17.33 16.85
N ALA A 695 2.63 -17.99 16.03
CA ALA A 695 2.15 -18.58 14.79
C ALA A 695 1.04 -19.55 15.11
N GLN A 696 1.32 -20.42 16.08
CA GLN A 696 0.35 -21.39 16.52
C GLN A 696 -0.92 -20.70 17.01
N GLU A 697 -0.73 -19.69 17.85
CA GLU A 697 -1.87 -19.01 18.44
C GLU A 697 -2.71 -18.36 17.35
N LEU A 698 -2.03 -17.81 16.35
CA LEU A 698 -2.72 -17.13 15.27
C LEU A 698 -3.70 -18.07 14.59
N ILE A 699 -3.31 -19.32 14.49
CA ILE A 699 -4.16 -20.31 13.85
C ILE A 699 -5.23 -20.82 14.81
N LEU A 700 -4.78 -21.35 15.94
CA LEU A 700 -5.69 -22.02 16.86
C LEU A 700 -6.73 -21.06 17.41
N SER A 701 -6.40 -19.78 17.42
CA SER A 701 -7.30 -18.78 17.96
C SER A 701 -7.92 -17.98 16.85
N GLY A 702 -7.47 -18.24 15.63
CA GLY A 702 -7.92 -17.53 14.44
C GLY A 702 -9.41 -17.27 14.45
N ALA A 703 -10.19 -18.32 14.63
CA ALA A 703 -11.64 -18.18 14.57
C ALA A 703 -12.18 -17.17 15.59
N GLN A 704 -11.46 -16.99 16.69
CA GLN A 704 -11.94 -16.09 17.75
C GLN A 704 -11.37 -14.67 17.65
N GLN A 705 -10.44 -14.44 16.74
CA GLN A 705 -9.91 -13.09 16.59
C GLN A 705 -10.97 -12.25 15.90
N PRO A 706 -11.19 -11.03 16.40
CA PRO A 706 -12.27 -10.25 15.79
C PRO A 706 -11.92 -10.04 14.34
N ASN A 707 -12.82 -10.48 13.47
CA ASN A 707 -12.63 -10.32 12.04
C ASN A 707 -11.34 -10.90 11.56
N GLY A 708 -10.79 -11.84 12.34
CA GLY A 708 -9.58 -12.54 11.98
C GLY A 708 -8.33 -11.69 12.09
N TYR A 709 -8.46 -10.54 12.75
CA TYR A 709 -7.33 -9.65 12.88
C TYR A 709 -6.20 -10.30 13.65
N THR A 710 -5.00 -10.15 13.12
CA THR A 710 -3.84 -10.78 13.72
C THR A 710 -3.11 -9.87 14.73
N GLU A 711 -3.45 -8.59 14.75
CA GLU A 711 -2.73 -7.64 15.57
C GLU A 711 -2.73 -8.01 17.04
N PRO A 712 -3.90 -8.31 17.61
CA PRO A 712 -3.93 -8.56 19.05
C PRO A 712 -2.88 -9.58 19.44
N ILE A 713 -2.85 -10.69 18.72
CA ILE A 713 -1.88 -11.73 19.02
C ILE A 713 -0.45 -11.29 18.71
N LEU A 714 -0.23 -10.75 17.51
CA LEU A 714 1.10 -10.29 17.14
C LEU A 714 1.63 -9.29 18.15
N HIS A 715 0.78 -8.37 18.55
CA HIS A 715 1.19 -7.32 19.45
C HIS A 715 1.59 -7.90 20.80
N ARG A 716 0.71 -8.70 21.37
CA ARG A 716 0.98 -9.38 22.62
C ARG A 716 2.31 -10.13 22.54
N ARG A 717 2.45 -10.95 21.51
CA ARG A 717 3.61 -11.82 21.37
C ARG A 717 4.88 -11.04 21.16
N ARG A 718 4.80 -10.00 20.35
CA ARG A 718 5.97 -9.17 20.12
C ARG A 718 6.36 -8.48 21.43
N ARG A 719 5.38 -8.02 22.17
CA ARG A 719 5.66 -7.34 23.42
C ARG A 719 6.29 -8.33 24.37
N GLU A 720 5.69 -9.51 24.44
CA GLU A 720 6.24 -10.59 25.23
C GLU A 720 7.70 -10.78 24.86
N PHE A 721 7.98 -10.90 23.57
CA PHE A 721 9.35 -11.12 23.12
C PHE A 721 10.26 -9.99 23.56
N LYS A 722 9.84 -8.76 23.31
CA LYS A 722 10.61 -7.59 23.76
C LYS A 722 10.93 -7.70 25.23
N ALA A 723 9.97 -8.17 26.02
CA ALA A 723 10.16 -8.26 27.46
C ALA A 723 11.25 -9.27 27.80
N ARG A 724 11.19 -10.45 27.16
CA ARG A 724 12.21 -11.48 27.35
C ARG A 724 13.55 -11.01 26.84
N ALA A 725 13.54 -10.23 25.76
CA ALA A 725 14.76 -9.70 25.20
C ALA A 725 15.46 -8.77 26.18
N ALA A 726 14.73 -8.35 27.20
CA ALA A 726 15.26 -7.44 28.20
C ALA A 726 16.00 -8.17 29.33
N GLU A 727 15.26 -8.94 30.12
CA GLU A 727 15.82 -9.65 31.26
C GLU A 727 16.92 -10.64 30.86
MG MG B . -4.61 -4.26 4.13
O01 4ZV C . -1.12 -3.20 2.93
C02 4ZV C . -0.74 -4.12 2.00
O03 4ZV C . -1.63 -4.38 1.17
C04 4ZV C . 0.73 -4.36 1.81
C05 4ZV C . 1.16 -5.64 1.35
C06 4ZV C . 2.50 -5.95 1.12
C07 4ZV C . 3.48 -4.96 1.33
N08 4ZV C . 4.87 -4.97 1.18
C09 4ZV C . 5.34 -3.70 1.54
C10 4ZV C . 4.28 -2.88 1.93
C11 4ZV C . 3.06 -3.65 1.80
C12 4ZV C . 1.70 -3.37 2.03
#